data_7BV2
#
_entry.id   7BV2
#
_cell.length_a   1.00
_cell.length_b   1.00
_cell.length_c   1.00
_cell.angle_alpha   90.00
_cell.angle_beta   90.00
_cell.angle_gamma   90.00
#
_symmetry.space_group_name_H-M   'P 1'
#
loop_
_entity.id
_entity.type
_entity.pdbx_description
1 polymer 'RNA-directed RNA polymerase'
2 polymer 'Non-structural protein 8'
3 polymer 'Non-structural protein 7'
4 polymer Primer
5 polymer Templete
6 non-polymer 'ZINC ION'
7 non-polymer 'PYROPHOSPHATE 2-'
8 non-polymer 'MAGNESIUM ION'
9 non-polymer '[(2~{R},3~{S},4~{R},5~{R})-5-(4-azanylpyrrolo[2,1-f][1,2,4]triazin-7-yl)-5-cyano-3,4-bis(oxidanyl)oxolan-2-yl]methyl dihydrogen phosphate'
10 water water
#
loop_
_entity_poly.entity_id
_entity_poly.type
_entity_poly.pdbx_seq_one_letter_code
_entity_poly.pdbx_strand_id
1 'polypeptide(L)'
;MSADAQSFLNRVCGVSAARLTPCGTGTSTDVVYRAFDIYNDKVAGFAKFLKTNCCRFQEKDEDDNLIDSYFVVKRHTFSN
YQHEETIYNLLKDCPAVAKHDFFKFRIDGDMVPHISRQRLTKYTMADLVYALRHFDEGNCDTLKEILVTYNCCDDDYFNK
KDWYDFVENPDILRVYANLGERVRQALLKTVQFCDAMRNAGIVGVLTLDNQDLNGNWYDFGDFIQTTPGSGVPVVDSYYS
LLMPILTLTRALTAESHVDTDLTKPYIKWDLLKYDFTEERLKLFDRYFKYWDQTYHPNCVNCLDDRCILHCANFNVLFST
VFPPTSFGPLVRKIFVDGVPFVVSTGYHFRELGVVHNQDVNLHSSRLSFKELLVYAADPAMHAASGNLLLDKRTTCFSVA
ALTNNVAFQTVKPGNFNKDFYDFAVSKGFFKEGSSVELKHFFFAQDGNAAISDYDYYRYNLPTMCDIRQLLFVVEVVDKY
FDCYDGGCINANQVIVNNLDKSAGFPFNKWGKARLYYDSMSYEDQDALFAYTKRNVIPTITQMNLKYAISAKNRARTVAG
VSICSTMTNRQFHQKLLKSIAATRGATVVIGTSKFYGGWHNMLKTVYSDVENPHLMGWDYPKCDRAMPNMLRIMASLVLA
RKHTTCCSLSHRFYRLANECAQVLSEMVMCGGSLYVKPGGTSSGDATTAYANSVFNICQAVTANVNALLSTDGNKIADKY
VRNLQHRLYECLYRNRDVDTDFVNEFYAYLRKHFSMMILSDDAVVCFNSTYASQGLVASIKNFKSVLYYQNNVFMSEAKC
WTETDLTKGPHEFCSQHTMLVKQGDDYVYLPYPDPSRILGAGCFVDDIVKTDGTLMIERFVSLAIDAYPLTKHPNQEYAD
VFHLYLQYIRKLHDELTGHMLDMYSVMLTNDNTSRYWEPEFYEAMYTPHTVLQGGSENLYFQGHHHHHHHH
;
A
2 'polypeptide(L)'
;MAIASEFSSLPSYAAFATAQEAYEQAVANGDSEVVLKKLKKSLNVAKSEFDRDAAMQRKLEKMADQAMTQMYKQARSEDK
RAKVTSAMQTMLFTMLRKLDNDALNNIINNARDGCVPLNIIPLTTAAKLMVVIPDYNTYKNTCDGTTFTYASALWEIQQV
VDADSKIVQLSEISMDNSPNLAWPLIVTALRANSAVKLQHHHHHHHH
;
B
3 'polypeptide(L)'
;MSKMSDVKCTSVVLLSVLQQLRVESSSKLWAQCVQLHNDILLAKDTTEAFEKMVSLLSVLLSMQGAVDINKLCEEMLDNR
ATLQHHHHHHHH
;
C
4 'polyribonucleotide' GCUAUGUGAGAUUAAGUUAU P
5 'polyribonucleotide' UUUUUUUUUUAUAACUUAAUCUCACAUAGC T
#
# COMPACT_ATOMS: atom_id res chain seq x y z
N VAL A 32 -9.06 29.37 -27.36
CA VAL A 32 -9.27 28.35 -26.33
C VAL A 32 -8.13 27.34 -26.33
N TYR A 33 -7.71 26.94 -25.14
CA TYR A 33 -6.61 26.00 -25.00
C TYR A 33 -7.10 24.57 -25.15
N ARG A 34 -6.31 23.75 -25.84
CA ARG A 34 -6.62 22.35 -26.05
C ARG A 34 -5.36 21.53 -25.86
N ALA A 35 -5.54 20.28 -25.47
CA ALA A 35 -4.40 19.38 -25.28
C ALA A 35 -3.95 18.80 -26.61
N PHE A 36 -2.64 18.78 -26.83
CA PHE A 36 -2.03 18.17 -28.00
C PHE A 36 -0.82 17.35 -27.60
N ASP A 37 -0.62 16.23 -28.28
CA ASP A 37 0.61 15.46 -28.16
C ASP A 37 1.51 15.81 -29.34
N ILE A 38 2.61 16.51 -29.07
CA ILE A 38 3.43 17.13 -30.10
C ILE A 38 4.81 16.47 -30.14
N TYR A 39 5.32 16.25 -31.35
CA TYR A 39 6.73 15.92 -31.56
C TYR A 39 7.13 16.46 -32.93
N ASN A 40 7.73 17.64 -32.93
CA ASN A 40 8.28 18.27 -34.12
C ASN A 40 9.80 18.11 -34.12
N ASP A 41 10.46 18.77 -35.07
CA ASP A 41 11.88 19.04 -34.92
C ASP A 41 12.12 20.19 -33.94
N LYS A 42 11.10 21.00 -33.67
CA LYS A 42 11.23 22.18 -32.82
C LYS A 42 10.76 21.95 -31.40
N VAL A 43 9.65 21.24 -31.22
CA VAL A 43 8.98 21.15 -29.92
C VAL A 43 8.44 19.74 -29.74
N ALA A 44 8.47 19.26 -28.50
CA ALA A 44 7.88 17.98 -28.13
C ALA A 44 7.20 18.12 -26.78
N GLY A 45 6.26 17.23 -26.49
CA GLY A 45 5.55 17.27 -25.23
C GLY A 45 4.08 16.93 -25.32
N PHE A 46 3.36 17.06 -24.21
CA PHE A 46 1.92 16.81 -24.14
C PHE A 46 1.32 17.90 -23.26
N ALA A 47 0.90 19.00 -23.89
CA ALA A 47 0.53 20.21 -23.16
C ALA A 47 -0.58 20.93 -23.88
N LYS A 48 -1.22 21.86 -23.16
CA LYS A 48 -2.25 22.70 -23.73
C LYS A 48 -1.64 23.78 -24.62
N PHE A 49 -2.22 23.95 -25.81
CA PHE A 49 -1.76 24.96 -26.76
C PHE A 49 -2.96 25.79 -27.22
N LEU A 50 -2.68 27.05 -27.56
CA LEU A 50 -3.73 27.97 -27.97
C LEU A 50 -4.08 27.76 -29.44
N LYS A 51 -5.23 27.14 -29.70
CA LYS A 51 -5.78 27.02 -31.04
C LYS A 51 -7.15 27.66 -31.11
N GLU A 85 -5.62 15.75 -46.90
CA GLU A 85 -4.92 15.37 -48.11
C GLU A 85 -5.75 14.33 -48.86
N THR A 86 -5.43 14.09 -50.14
CA THR A 86 -6.16 13.14 -50.96
C THR A 86 -6.10 11.71 -50.44
N ILE A 87 -5.32 11.44 -49.39
CA ILE A 87 -5.32 10.11 -48.78
C ILE A 87 -6.60 9.80 -48.04
N TYR A 88 -7.48 10.79 -47.86
CA TYR A 88 -8.78 10.54 -47.25
C TYR A 88 -9.59 9.55 -48.09
N ASN A 89 -9.44 9.61 -49.42
CA ASN A 89 -10.10 8.65 -50.30
C ASN A 89 -9.67 7.22 -50.03
N LEU A 90 -8.44 7.01 -49.56
CA LEU A 90 -7.96 5.68 -49.22
C LEU A 90 -8.48 5.19 -47.87
N LEU A 91 -9.17 6.05 -47.11
CA LEU A 91 -9.63 5.71 -45.78
C LEU A 91 -11.12 5.97 -45.56
N LYS A 92 -11.81 6.63 -46.51
CA LYS A 92 -13.19 7.04 -46.29
C LYS A 92 -14.11 5.85 -46.02
N ASP A 93 -13.78 4.67 -46.53
CA ASP A 93 -14.63 3.51 -46.34
C ASP A 93 -14.57 2.96 -44.91
N CYS A 94 -13.54 3.31 -44.15
CA CYS A 94 -13.42 2.85 -42.78
C CYS A 94 -14.47 3.53 -41.90
N PRO A 95 -15.27 2.77 -41.15
CA PRO A 95 -16.32 3.39 -40.32
C PRO A 95 -15.79 4.15 -39.11
N ALA A 96 -14.49 4.12 -38.86
CA ALA A 96 -13.87 4.89 -37.78
C ALA A 96 -13.42 6.28 -38.23
N VAL A 97 -13.69 6.65 -39.47
CA VAL A 97 -13.26 7.93 -40.04
C VAL A 97 -14.43 8.90 -40.02
N ALA A 98 -14.19 10.13 -39.56
CA ALA A 98 -15.18 11.18 -39.64
C ALA A 98 -15.35 11.63 -41.09
N LYS A 99 -16.54 12.15 -41.39
CA LYS A 99 -16.87 12.58 -42.73
C LYS A 99 -16.24 13.95 -43.02
N HIS A 100 -15.51 14.04 -44.13
CA HIS A 100 -14.91 15.28 -44.58
C HIS A 100 -15.62 15.77 -45.83
N ASP A 101 -15.98 17.05 -45.86
CA ASP A 101 -16.68 17.62 -47.01
C ASP A 101 -15.76 17.72 -48.23
N ARG A 119 -21.07 15.92 -36.08
CA ARG A 119 -19.97 15.33 -36.83
C ARG A 119 -18.76 15.11 -35.93
N LEU A 120 -18.44 16.14 -35.14
CA LEU A 120 -17.37 16.05 -34.16
C LEU A 120 -17.84 16.79 -32.91
N THR A 121 -17.23 16.43 -31.78
CA THR A 121 -17.65 16.98 -30.49
C THR A 121 -16.68 18.05 -30.03
N LYS A 122 -17.07 18.74 -28.95
CA LYS A 122 -16.27 19.85 -28.43
C LYS A 122 -14.90 19.40 -27.98
N TYR A 123 -14.79 18.18 -27.44
CA TYR A 123 -13.57 17.72 -26.80
C TYR A 123 -13.10 16.43 -27.45
N THR A 124 -11.79 16.24 -27.49
CA THR A 124 -11.17 15.04 -28.04
C THR A 124 -10.73 14.11 -26.91
N MET A 125 -10.15 12.97 -27.28
CA MET A 125 -9.59 12.05 -26.31
C MET A 125 -8.43 12.65 -25.55
N ALA A 126 -7.68 13.56 -26.16
CA ALA A 126 -6.56 14.20 -25.48
C ALA A 126 -7.05 15.13 -24.38
N ASP A 127 -8.24 15.71 -24.52
CA ASP A 127 -8.77 16.54 -23.45
C ASP A 127 -9.09 15.71 -22.22
N LEU A 128 -9.70 14.54 -22.41
CA LEU A 128 -9.96 13.65 -21.28
C LEU A 128 -8.66 13.17 -20.65
N VAL A 129 -7.69 12.80 -21.49
CA VAL A 129 -6.43 12.28 -20.97
C VAL A 129 -5.70 13.35 -20.16
N TYR A 130 -5.65 14.58 -20.69
CA TYR A 130 -4.98 15.66 -19.98
C TYR A 130 -5.73 16.03 -18.71
N ALA A 131 -7.07 16.02 -18.75
CA ALA A 131 -7.85 16.37 -17.57
C ALA A 131 -7.63 15.40 -16.44
N LEU A 132 -7.60 14.09 -16.74
CA LEU A 132 -7.41 13.12 -15.68
C LEU A 132 -5.95 12.92 -15.29
N ARG A 133 -5.00 13.33 -16.12
CA ARG A 133 -3.55 13.22 -15.84
C ARG A 133 -2.99 14.50 -15.22
N HIS A 134 -3.73 15.61 -15.27
CA HIS A 134 -3.25 16.86 -14.71
C HIS A 134 -4.33 17.48 -13.84
N PHE A 135 -4.94 16.67 -12.99
CA PHE A 135 -6.08 17.12 -12.19
C PHE A 135 -5.70 18.23 -11.23
N ASP A 136 -6.53 19.27 -11.20
CA ASP A 136 -6.44 20.33 -10.21
C ASP A 136 -7.85 20.76 -9.85
N GLU A 137 -8.20 20.66 -8.57
CA GLU A 137 -9.51 21.09 -8.14
C GLU A 137 -9.59 22.61 -8.12
N GLY A 138 -10.74 23.14 -8.57
CA GLY A 138 -10.90 24.56 -8.79
C GLY A 138 -10.32 25.05 -10.10
N ASN A 139 -9.68 24.20 -10.88
CA ASN A 139 -9.23 24.49 -12.23
C ASN A 139 -9.57 23.28 -13.11
N CYS A 140 -10.81 22.80 -12.97
CA CYS A 140 -11.20 21.51 -13.55
C CYS A 140 -12.55 21.60 -14.25
N ASP A 141 -12.85 22.72 -14.89
CA ASP A 141 -14.14 22.88 -15.56
C ASP A 141 -14.25 22.03 -16.83
N THR A 142 -13.13 21.69 -17.46
CA THR A 142 -13.18 20.80 -18.62
C THR A 142 -13.65 19.41 -18.22
N LEU A 143 -13.13 18.89 -17.10
CA LEU A 143 -13.58 17.59 -16.61
C LEU A 143 -15.06 17.63 -16.22
N LYS A 144 -15.49 18.72 -15.58
CA LYS A 144 -16.90 18.85 -15.23
C LYS A 144 -17.78 18.83 -16.49
N GLU A 145 -17.35 19.55 -17.53
CA GLU A 145 -18.16 19.61 -18.74
C GLU A 145 -18.20 18.27 -19.45
N ILE A 146 -17.08 17.54 -19.44
CA ILE A 146 -17.07 16.21 -20.04
C ILE A 146 -17.99 15.27 -19.26
N LEU A 147 -17.94 15.34 -17.92
CA LEU A 147 -18.77 14.44 -17.12
C LEU A 147 -20.25 14.74 -17.27
N VAL A 148 -20.63 16.01 -17.42
CA VAL A 148 -22.05 16.32 -17.54
C VAL A 148 -22.55 16.19 -18.99
N THR A 149 -21.66 16.33 -19.98
CA THR A 149 -22.09 16.20 -21.36
C THR A 149 -22.52 14.77 -21.69
N TYR A 150 -21.78 13.78 -21.21
CA TYR A 150 -22.02 12.39 -21.55
C TYR A 150 -22.77 11.64 -20.47
N ASN A 151 -23.49 12.35 -19.61
CA ASN A 151 -24.40 11.76 -18.63
C ASN A 151 -23.69 10.78 -17.70
N CYS A 152 -22.45 11.12 -17.32
CA CYS A 152 -21.84 10.43 -16.19
C CYS A 152 -22.46 10.90 -14.87
N CYS A 153 -22.70 12.19 -14.76
CA CYS A 153 -23.37 12.78 -13.60
C CYS A 153 -24.11 14.02 -14.09
N ASP A 154 -24.54 14.87 -13.17
CA ASP A 154 -25.22 16.12 -13.51
C ASP A 154 -24.56 17.27 -12.76
N ASP A 155 -24.94 18.49 -13.14
CA ASP A 155 -24.25 19.68 -12.67
C ASP A 155 -24.24 19.80 -11.15
N ASP A 156 -25.27 19.27 -10.49
CA ASP A 156 -25.39 19.41 -9.05
C ASP A 156 -24.49 18.45 -8.27
N TYR A 157 -23.86 17.49 -8.94
CA TYR A 157 -22.99 16.54 -8.24
C TYR A 157 -21.78 17.24 -7.64
N PHE A 158 -21.31 18.31 -8.27
CA PHE A 158 -20.08 18.99 -7.84
C PHE A 158 -20.31 19.98 -6.71
N ASN A 159 -21.55 20.17 -6.26
CA ASN A 159 -21.78 20.98 -5.07
C ASN A 159 -21.44 20.23 -3.79
N LYS A 160 -21.41 18.90 -3.84
CA LYS A 160 -20.93 18.12 -2.71
C LYS A 160 -19.47 18.44 -2.42
N LYS A 161 -19.13 18.55 -1.15
CA LYS A 161 -17.74 18.77 -0.76
C LYS A 161 -16.91 17.54 -1.09
N ASP A 162 -15.73 17.77 -1.69
CA ASP A 162 -14.79 16.70 -2.03
C ASP A 162 -15.43 15.64 -2.93
N TRP A 163 -16.17 16.09 -3.94
CA TRP A 163 -16.79 15.16 -4.87
C TRP A 163 -15.74 14.35 -5.63
N TYR A 164 -14.55 14.90 -5.80
CA TYR A 164 -13.47 14.32 -6.58
C TYR A 164 -12.55 13.40 -5.80
N ASP A 165 -12.74 13.28 -4.48
CA ASP A 165 -11.77 12.61 -3.61
C ASP A 165 -12.11 11.12 -3.51
N PHE A 166 -11.15 10.27 -3.91
CA PHE A 166 -11.35 8.82 -3.87
C PHE A 166 -11.62 8.29 -2.47
N VAL A 167 -11.20 9.00 -1.43
CA VAL A 167 -11.28 8.51 -0.06
C VAL A 167 -12.47 9.10 0.68
N GLU A 168 -12.68 10.41 0.57
CA GLU A 168 -13.85 11.02 1.18
C GLU A 168 -15.13 10.75 0.40
N ASN A 169 -15.01 10.55 -0.92
CA ASN A 169 -16.17 10.27 -1.77
C ASN A 169 -15.83 9.10 -2.70
N PRO A 170 -15.87 7.87 -2.19
CA PRO A 170 -15.56 6.72 -3.04
C PRO A 170 -16.56 6.49 -4.17
N ASP A 171 -17.71 7.17 -4.14
CA ASP A 171 -18.69 7.05 -5.22
C ASP A 171 -18.17 7.61 -6.54
N ILE A 172 -17.12 8.43 -6.50
CA ILE A 172 -16.61 9.05 -7.72
C ILE A 172 -16.12 8.01 -8.71
N LEU A 173 -15.73 6.82 -8.22
CA LEU A 173 -15.31 5.75 -9.12
C LEU A 173 -16.48 5.29 -9.98
N ARG A 174 -17.69 5.28 -9.43
CA ARG A 174 -18.87 4.96 -10.22
C ARG A 174 -19.11 6.02 -11.30
N VAL A 175 -18.85 7.28 -10.99
CA VAL A 175 -19.03 8.36 -11.97
C VAL A 175 -18.03 8.20 -13.12
N TYR A 176 -16.77 7.94 -12.79
CA TYR A 176 -15.76 7.75 -13.84
C TYR A 176 -16.02 6.48 -14.65
N ALA A 177 -16.60 5.46 -14.03
CA ALA A 177 -16.85 4.20 -14.72
C ALA A 177 -17.91 4.31 -15.80
N ASN A 178 -18.66 5.41 -15.86
CA ASN A 178 -19.62 5.60 -16.94
C ASN A 178 -18.94 5.95 -18.26
N LEU A 179 -17.68 6.39 -18.21
CA LEU A 179 -16.92 6.69 -19.42
C LEU A 179 -16.29 5.44 -20.03
N GLY A 180 -16.37 4.28 -19.37
CA GLY A 180 -15.64 3.12 -19.83
C GLY A 180 -16.03 2.64 -21.21
N GLU A 181 -17.33 2.71 -21.52
CA GLU A 181 -17.78 2.25 -22.83
C GLU A 181 -17.29 3.14 -23.97
N ARG A 182 -17.22 4.45 -23.74
CA ARG A 182 -16.69 5.33 -24.77
C ARG A 182 -15.21 5.05 -25.04
N VAL A 183 -14.44 4.80 -23.98
CA VAL A 183 -13.02 4.51 -24.16
C VAL A 183 -12.82 3.16 -24.83
N ARG A 184 -13.65 2.18 -24.48
CA ARG A 184 -13.55 0.87 -25.13
C ARG A 184 -13.92 0.95 -26.61
N GLN A 185 -14.97 1.70 -26.94
CA GLN A 185 -15.32 1.92 -28.34
C GLN A 185 -14.21 2.67 -29.07
N ALA A 186 -13.56 3.62 -28.39
CA ALA A 186 -12.43 4.31 -29.01
C ALA A 186 -11.28 3.37 -29.30
N LEU A 187 -11.01 2.42 -28.40
CA LEU A 187 -9.98 1.42 -28.66
C LEU A 187 -10.34 0.54 -29.85
N LEU A 188 -11.59 0.10 -29.94
CA LEU A 188 -12.01 -0.73 -31.06
C LEU A 188 -11.93 0.04 -32.38
N LYS A 189 -12.36 1.30 -32.38
CA LYS A 189 -12.26 2.11 -33.59
C LYS A 189 -10.82 2.40 -33.96
N THR A 190 -9.93 2.53 -32.98
CA THR A 190 -8.51 2.68 -33.29
C THR A 190 -7.96 1.43 -33.94
N VAL A 191 -8.36 0.26 -33.46
CA VAL A 191 -7.91 -0.98 -34.10
C VAL A 191 -8.41 -1.06 -35.54
N GLN A 192 -9.67 -0.67 -35.77
CA GLN A 192 -10.20 -0.62 -37.13
C GLN A 192 -9.41 0.37 -37.99
N PHE A 193 -9.09 1.54 -37.42
CA PHE A 193 -8.34 2.55 -38.16
C PHE A 193 -6.95 2.07 -38.54
N CYS A 194 -6.28 1.36 -37.63
CA CYS A 194 -4.97 0.82 -37.95
C CYS A 194 -5.05 -0.29 -38.99
N ASP A 195 -6.11 -1.10 -38.95
CA ASP A 195 -6.33 -2.08 -40.01
C ASP A 195 -6.49 -1.40 -41.36
N ALA A 196 -7.29 -0.33 -41.40
CA ALA A 196 -7.49 0.40 -42.64
C ALA A 196 -6.19 1.02 -43.14
N MET A 197 -5.39 1.59 -42.23
CA MET A 197 -4.10 2.15 -42.64
C MET A 197 -3.16 1.07 -43.16
N ARG A 198 -3.14 -0.09 -42.51
CA ARG A 198 -2.30 -1.19 -42.98
C ARG A 198 -2.70 -1.62 -44.39
N ASN A 199 -4.00 -1.79 -44.62
CA ASN A 199 -4.46 -2.18 -45.95
C ASN A 199 -4.16 -1.11 -46.98
N ALA A 200 -4.40 0.16 -46.65
CA ALA A 200 -4.20 1.25 -47.60
C ALA A 200 -2.75 1.61 -47.82
N GLY A 201 -1.82 1.03 -47.06
CA GLY A 201 -0.42 1.36 -47.25
C GLY A 201 0.00 2.71 -46.74
N ILE A 202 -0.62 3.20 -45.67
CA ILE A 202 -0.30 4.49 -45.10
C ILE A 202 0.61 4.33 -43.89
N VAL A 203 1.62 5.18 -43.79
CA VAL A 203 2.51 5.25 -42.63
C VAL A 203 2.20 6.55 -41.88
N GLY A 204 2.03 6.46 -40.58
CA GLY A 204 1.70 7.63 -39.79
C GLY A 204 1.64 7.33 -38.32
N VAL A 205 1.75 8.39 -37.53
CA VAL A 205 1.76 8.31 -36.07
C VAL A 205 0.40 8.75 -35.55
N LEU A 206 -0.24 7.91 -34.75
CA LEU A 206 -1.53 8.26 -34.15
C LEU A 206 -1.34 9.08 -32.89
N THR A 207 -2.18 10.10 -32.71
CA THR A 207 -2.15 10.95 -31.54
C THR A 207 -3.55 11.10 -30.98
N LEU A 208 -3.63 11.27 -29.65
CA LEU A 208 -4.92 11.30 -28.98
C LEU A 208 -5.78 12.48 -29.38
N ASP A 209 -5.14 13.60 -29.74
CA ASP A 209 -5.91 14.79 -30.11
C ASP A 209 -6.57 14.69 -31.47
N ASN A 210 -6.25 13.67 -32.26
CA ASN A 210 -6.87 13.45 -33.56
C ASN A 210 -8.05 12.50 -33.50
N GLN A 211 -8.51 12.13 -32.30
CA GLN A 211 -9.63 11.22 -32.15
C GLN A 211 -10.71 11.88 -31.31
N ASP A 212 -11.93 11.83 -31.79
CA ASP A 212 -13.08 12.42 -31.07
C ASP A 212 -13.45 11.56 -29.88
N LEU A 213 -14.27 12.10 -28.99
CA LEU A 213 -14.81 11.33 -27.89
C LEU A 213 -15.89 10.35 -28.33
N ASN A 214 -16.34 10.43 -29.58
CA ASN A 214 -17.10 9.34 -30.18
C ASN A 214 -16.22 8.31 -30.86
N GLY A 215 -14.89 8.47 -30.78
CA GLY A 215 -13.96 7.52 -31.34
C GLY A 215 -13.63 7.72 -32.81
N ASN A 216 -14.23 8.71 -33.47
CA ASN A 216 -13.95 8.92 -34.89
C ASN A 216 -12.60 9.61 -35.09
N TRP A 217 -11.85 9.12 -36.07
CA TRP A 217 -10.54 9.66 -36.39
C TRP A 217 -10.68 10.65 -37.55
N TYR A 218 -9.99 11.79 -37.44
CA TYR A 218 -10.25 12.86 -38.41
C TYR A 218 -9.04 13.62 -38.93
N ASP A 219 -7.81 13.26 -38.61
CA ASP A 219 -6.66 14.05 -39.05
C ASP A 219 -5.64 13.15 -39.74
N PHE A 220 -5.34 13.47 -41.00
CA PHE A 220 -4.49 12.66 -41.85
C PHE A 220 -3.33 13.42 -42.49
N GLY A 221 -3.12 14.70 -42.15
CA GLY A 221 -2.22 15.54 -42.91
C GLY A 221 -0.76 15.13 -42.88
N ASP A 222 -0.35 14.36 -41.88
CA ASP A 222 1.05 14.00 -41.71
C ASP A 222 1.39 12.58 -42.15
N PHE A 223 0.45 11.86 -42.76
CA PHE A 223 0.71 10.50 -43.19
C PHE A 223 1.49 10.45 -44.50
N ILE A 224 2.01 9.26 -44.83
CA ILE A 224 2.83 9.03 -46.01
C ILE A 224 2.33 7.78 -46.72
N GLN A 225 2.23 7.85 -48.04
CA GLN A 225 1.82 6.70 -48.83
C GLN A 225 2.99 5.75 -49.07
N THR A 226 2.71 4.45 -49.04
CA THR A 226 3.63 3.43 -49.50
C THR A 226 2.81 2.32 -50.15
N THR A 227 3.42 1.15 -50.32
CA THR A 227 2.77 0.04 -50.99
C THR A 227 1.54 -0.40 -50.19
N PRO A 228 0.37 -0.55 -50.82
CA PRO A 228 -0.81 -1.00 -50.09
C PRO A 228 -0.61 -2.40 -49.52
N GLY A 229 -1.19 -2.62 -48.33
CA GLY A 229 -0.98 -3.84 -47.60
C GLY A 229 0.24 -3.86 -46.71
N SER A 230 1.05 -2.80 -46.73
CA SER A 230 2.28 -2.74 -45.95
C SER A 230 2.36 -1.48 -45.09
N GLY A 231 1.23 -0.87 -44.75
CA GLY A 231 1.25 0.29 -43.87
C GLY A 231 1.72 -0.06 -42.48
N VAL A 232 2.23 0.96 -41.79
CA VAL A 232 2.80 0.77 -40.45
C VAL A 232 2.30 1.87 -39.53
N PRO A 233 1.24 1.63 -38.75
CA PRO A 233 0.79 2.64 -37.78
C PRO A 233 1.65 2.61 -36.52
N VAL A 234 2.11 3.79 -36.09
CA VAL A 234 2.93 3.94 -34.89
C VAL A 234 2.03 4.43 -33.76
N VAL A 235 1.94 3.63 -32.71
CA VAL A 235 0.89 3.82 -31.69
C VAL A 235 1.47 3.82 -30.28
N ASP A 236 2.79 3.95 -30.16
CA ASP A 236 3.42 3.88 -28.84
C ASP A 236 2.89 4.95 -27.91
N SER A 237 2.93 6.21 -28.35
CA SER A 237 2.52 7.32 -27.50
C SER A 237 1.02 7.26 -27.19
N TYR A 238 0.21 6.89 -28.17
CA TYR A 238 -1.24 6.86 -27.99
C TYR A 238 -1.63 5.89 -26.88
N TYR A 239 -1.25 4.63 -27.03
CA TYR A 239 -1.57 3.63 -26.01
C TYR A 239 -0.89 3.94 -24.69
N SER A 240 0.37 4.37 -24.72
CA SER A 240 1.09 4.59 -23.47
C SER A 240 0.46 5.72 -22.66
N LEU A 241 0.09 6.82 -23.31
CA LEU A 241 -0.56 7.91 -22.61
C LEU A 241 -1.95 7.54 -22.14
N LEU A 242 -2.67 6.73 -22.92
CA LEU A 242 -4.05 6.41 -22.57
C LEU A 242 -4.15 5.36 -21.46
N MET A 243 -3.10 4.55 -21.24
CA MET A 243 -3.13 3.41 -20.31
C MET A 243 -3.66 3.72 -18.92
N PRO A 244 -3.26 4.79 -18.23
CA PRO A 244 -3.80 5.01 -16.87
C PRO A 244 -5.31 5.15 -16.81
N ILE A 245 -5.95 5.62 -17.88
CA ILE A 245 -7.40 5.81 -17.87
C ILE A 245 -8.14 4.50 -18.09
N LEU A 246 -7.50 3.49 -18.67
CA LEU A 246 -8.19 2.24 -18.95
C LEU A 246 -8.64 1.55 -17.65
N THR A 247 -7.85 1.68 -16.59
CA THR A 247 -8.24 1.13 -15.31
C THR A 247 -9.10 2.08 -14.48
N LEU A 248 -8.94 3.39 -14.66
CA LEU A 248 -9.70 4.34 -13.87
C LEU A 248 -11.17 4.36 -14.29
N THR A 249 -11.44 4.19 -15.57
CA THR A 249 -12.80 4.10 -16.08
C THR A 249 -13.32 2.67 -16.15
N ARG A 250 -12.49 1.68 -15.84
CA ARG A 250 -12.81 0.26 -16.05
C ARG A 250 -13.37 0.02 -17.45
N ALA A 251 -12.55 0.34 -18.46
CA ALA A 251 -13.01 0.25 -19.85
C ALA A 251 -13.38 -1.17 -20.23
N LEU A 252 -12.64 -2.16 -19.74
CA LEU A 252 -12.85 -3.56 -20.12
C LEU A 252 -13.92 -4.25 -19.31
N THR A 253 -14.80 -3.51 -18.65
CA THR A 253 -15.87 -4.14 -17.86
C THR A 253 -16.77 -5.01 -18.73
N ALA A 254 -17.08 -4.56 -19.94
CA ALA A 254 -17.99 -5.30 -20.81
C ALA A 254 -17.48 -6.68 -21.16
N GLU A 255 -16.17 -6.92 -21.08
CA GLU A 255 -15.62 -8.24 -21.38
C GLU A 255 -16.00 -9.29 -20.36
N SER A 256 -16.56 -8.90 -19.22
CA SER A 256 -17.08 -9.87 -18.25
C SER A 256 -18.45 -10.40 -18.62
N HIS A 257 -19.08 -9.85 -19.64
CA HIS A 257 -20.45 -10.19 -20.02
C HIS A 257 -20.45 -11.14 -21.22
N VAL A 258 -21.54 -11.91 -21.34
CA VAL A 258 -21.70 -12.78 -22.49
C VAL A 258 -21.78 -11.92 -23.75
N ASP A 259 -21.00 -12.29 -24.77
CA ASP A 259 -20.97 -11.52 -26.04
C ASP A 259 -20.58 -10.06 -25.78
N THR A 260 -19.67 -9.79 -24.83
CA THR A 260 -19.19 -8.41 -24.56
C THR A 260 -20.32 -7.37 -24.68
N ASP A 261 -21.51 -7.67 -24.17
CA ASP A 261 -22.62 -6.74 -24.17
C ASP A 261 -23.08 -6.54 -22.73
N LEU A 262 -23.07 -5.28 -22.27
CA LEU A 262 -23.39 -4.99 -20.88
C LEU A 262 -24.83 -5.34 -20.50
N THR A 263 -25.73 -5.46 -21.48
CA THR A 263 -27.12 -5.79 -21.16
C THR A 263 -27.32 -7.27 -20.91
N LYS A 264 -26.41 -8.10 -21.37
CA LYS A 264 -26.47 -9.55 -21.17
C LYS A 264 -25.75 -9.93 -19.89
N PRO A 265 -26.04 -11.12 -19.33
CA PRO A 265 -25.48 -11.47 -18.02
C PRO A 265 -23.99 -11.75 -18.08
N TYR A 266 -23.40 -11.87 -16.89
CA TYR A 266 -21.98 -12.16 -16.77
C TYR A 266 -21.65 -13.55 -17.30
N ILE A 267 -20.47 -13.68 -17.92
CA ILE A 267 -19.95 -15.00 -18.25
C ILE A 267 -19.74 -15.78 -16.97
N LYS A 268 -20.16 -17.04 -16.97
CA LYS A 268 -19.97 -17.94 -15.84
C LYS A 268 -18.86 -18.92 -16.20
N TRP A 269 -17.72 -18.80 -15.52
CA TRP A 269 -16.56 -19.63 -15.78
C TRP A 269 -16.60 -20.89 -14.93
N ASP A 270 -15.87 -21.91 -15.39
CA ASP A 270 -15.64 -23.08 -14.57
C ASP A 270 -14.75 -22.71 -13.40
N LEU A 271 -15.16 -23.13 -12.20
CA LEU A 271 -14.42 -22.77 -10.99
C LEU A 271 -13.02 -23.36 -10.99
N LEU A 272 -12.81 -24.45 -11.73
CA LEU A 272 -11.50 -25.10 -11.76
C LEU A 272 -10.56 -24.48 -12.80
N LYS A 273 -11.04 -23.56 -13.62
CA LYS A 273 -10.21 -22.96 -14.65
C LYS A 273 -9.29 -21.91 -14.05
N TYR A 274 -7.98 -22.10 -14.22
CA TYR A 274 -7.00 -21.19 -13.65
C TYR A 274 -6.05 -20.57 -14.67
N ASP A 275 -6.03 -21.07 -15.92
CA ASP A 275 -4.94 -20.68 -16.82
C ASP A 275 -5.21 -19.33 -17.47
N PHE A 276 -6.25 -19.24 -18.30
CA PHE A 276 -6.68 -17.99 -18.94
C PHE A 276 -5.64 -17.39 -19.88
N THR A 277 -4.60 -18.14 -20.25
CA THR A 277 -3.59 -17.61 -21.16
C THR A 277 -4.19 -17.26 -22.52
N GLU A 278 -5.07 -18.12 -23.04
CA GLU A 278 -5.69 -17.86 -24.34
C GLU A 278 -6.63 -16.67 -24.26
N GLU A 279 -7.35 -16.51 -23.15
CA GLU A 279 -8.18 -15.32 -22.96
C GLU A 279 -7.33 -14.06 -22.93
N ARG A 280 -6.18 -14.10 -22.26
CA ARG A 280 -5.29 -12.95 -22.23
C ARG A 280 -4.78 -12.60 -23.62
N LEU A 281 -4.38 -13.60 -24.40
CA LEU A 281 -3.94 -13.34 -25.77
C LEU A 281 -5.07 -12.79 -26.63
N LYS A 282 -6.29 -13.30 -26.45
CA LYS A 282 -7.41 -12.78 -27.22
C LYS A 282 -7.70 -11.33 -26.86
N LEU A 283 -7.62 -10.98 -25.58
CA LEU A 283 -7.80 -9.59 -25.19
C LEU A 283 -6.72 -8.70 -25.79
N PHE A 284 -5.47 -9.17 -25.75
CA PHE A 284 -4.37 -8.40 -26.32
C PHE A 284 -4.56 -8.15 -27.80
N ASP A 285 -4.94 -9.17 -28.56
CA ASP A 285 -5.15 -8.98 -29.99
C ASP A 285 -6.42 -8.19 -30.30
N ARG A 286 -7.42 -8.26 -29.44
CA ARG A 286 -8.63 -7.47 -29.65
C ARG A 286 -8.35 -5.98 -29.47
N TYR A 287 -7.58 -5.61 -28.45
CA TYR A 287 -7.46 -4.20 -28.10
C TYR A 287 -6.10 -3.60 -28.40
N PHE A 288 -5.05 -4.41 -28.50
CA PHE A 288 -3.69 -3.90 -28.69
C PHE A 288 -3.00 -4.60 -29.85
N LYS A 289 -3.73 -4.82 -30.94
CA LYS A 289 -3.21 -5.60 -32.07
C LYS A 289 -1.90 -5.04 -32.60
N TYR A 290 -1.77 -3.72 -32.66
CA TYR A 290 -0.62 -3.08 -33.27
C TYR A 290 0.39 -2.54 -32.26
N TRP A 291 0.24 -2.86 -30.98
CA TRP A 291 1.30 -2.60 -30.03
C TRP A 291 2.53 -3.42 -30.44
N ASP A 292 3.66 -2.74 -30.62
CA ASP A 292 4.77 -3.32 -31.36
C ASP A 292 5.59 -4.33 -30.57
N GLN A 293 5.49 -4.32 -29.25
CA GLN A 293 6.35 -5.17 -28.42
C GLN A 293 5.66 -6.49 -28.08
N THR A 294 6.46 -7.54 -27.92
CA THR A 294 5.95 -8.86 -27.58
C THR A 294 5.37 -8.87 -26.16
N TYR A 295 4.23 -9.53 -26.01
CA TYR A 295 3.55 -9.64 -24.72
C TYR A 295 3.65 -11.10 -24.26
N HIS A 296 4.04 -11.29 -23.00
CA HIS A 296 4.06 -12.62 -22.41
C HIS A 296 2.92 -12.75 -21.40
N PRO A 297 1.90 -13.56 -21.68
CA PRO A 297 0.86 -13.78 -20.66
C PRO A 297 1.42 -14.38 -19.38
N ASN A 298 2.52 -15.13 -19.48
CA ASN A 298 3.16 -15.76 -18.34
C ASN A 298 4.54 -15.13 -18.20
N CYS A 299 4.74 -14.34 -17.14
CA CYS A 299 5.99 -13.58 -17.02
C CYS A 299 7.21 -14.46 -16.78
N VAL A 300 7.02 -15.76 -16.53
CA VAL A 300 8.15 -16.67 -16.42
C VAL A 300 8.91 -16.78 -17.73
N ASN A 301 8.27 -16.42 -18.84
CA ASN A 301 8.91 -16.43 -20.16
C ASN A 301 9.58 -15.12 -20.51
N CYS A 302 9.54 -14.11 -19.62
CA CYS A 302 10.10 -12.81 -19.92
C CYS A 302 11.61 -12.88 -20.05
N LEU A 303 12.19 -11.81 -20.60
CA LEU A 303 13.60 -11.77 -20.93
C LEU A 303 14.46 -11.03 -19.92
N ASP A 304 13.94 -9.99 -19.28
CA ASP A 304 14.64 -9.26 -18.24
C ASP A 304 13.60 -8.60 -17.33
N ASP A 305 14.05 -7.71 -16.45
CA ASP A 305 13.12 -7.05 -15.56
C ASP A 305 12.29 -5.97 -16.27
N ARG A 306 12.84 -5.35 -17.32
CA ARG A 306 12.05 -4.43 -18.13
C ARG A 306 10.94 -5.15 -18.89
N CYS A 307 11.21 -6.35 -19.38
CA CYS A 307 10.16 -7.15 -20.01
C CYS A 307 9.13 -7.59 -18.99
N ILE A 308 9.59 -7.94 -17.78
CA ILE A 308 8.65 -8.31 -16.73
C ILE A 308 7.70 -7.16 -16.42
N LEU A 309 8.23 -5.94 -16.31
CA LEU A 309 7.36 -4.79 -16.06
C LEU A 309 6.40 -4.57 -17.21
N HIS A 310 6.90 -4.69 -18.45
CA HIS A 310 6.05 -4.49 -19.63
C HIS A 310 4.86 -5.46 -19.62
N CYS A 311 5.13 -6.75 -19.44
CA CYS A 311 4.04 -7.73 -19.51
C CYS A 311 3.18 -7.75 -18.25
N ALA A 312 3.74 -7.43 -17.09
CA ALA A 312 2.93 -7.34 -15.88
C ALA A 312 1.93 -6.20 -15.98
N ASN A 313 2.32 -5.08 -16.62
CA ASN A 313 1.38 -3.98 -16.78
C ASN A 313 0.16 -4.40 -17.59
N PHE A 314 0.36 -5.12 -18.70
CA PHE A 314 -0.78 -5.66 -19.44
C PHE A 314 -1.57 -6.67 -18.62
N ASN A 315 -0.89 -7.51 -17.84
CA ASN A 315 -1.59 -8.51 -17.04
C ASN A 315 -2.50 -7.86 -16.00
N VAL A 316 -2.12 -6.69 -15.48
CA VAL A 316 -2.98 -5.99 -14.52
C VAL A 316 -4.34 -5.66 -15.14
N LEU A 317 -4.33 -5.18 -16.39
CA LEU A 317 -5.60 -4.82 -17.03
C LEU A 317 -6.45 -6.05 -17.31
N PHE A 318 -5.86 -7.10 -17.88
CA PHE A 318 -6.63 -8.29 -18.25
C PHE A 318 -7.14 -9.04 -17.04
N SER A 319 -6.42 -9.00 -15.91
CA SER A 319 -6.85 -9.73 -14.72
C SER A 319 -8.13 -9.18 -14.12
N THR A 320 -8.54 -7.97 -14.49
CA THR A 320 -9.80 -7.43 -14.00
C THR A 320 -11.01 -8.11 -14.63
N VAL A 321 -10.79 -8.87 -15.70
CA VAL A 321 -11.89 -9.55 -16.39
C VAL A 321 -12.20 -10.91 -15.77
N PHE A 322 -11.18 -11.61 -15.28
CA PHE A 322 -11.31 -12.99 -14.85
C PHE A 322 -11.80 -13.07 -13.41
N PRO A 323 -12.44 -14.17 -13.02
CA PRO A 323 -13.02 -14.27 -11.68
C PRO A 323 -11.95 -14.24 -10.60
N PRO A 324 -12.22 -13.60 -9.47
CA PRO A 324 -11.22 -13.55 -8.38
C PRO A 324 -10.83 -14.90 -7.82
N THR A 325 -11.71 -15.90 -7.88
CA THR A 325 -11.41 -17.19 -7.26
C THR A 325 -10.35 -17.98 -8.01
N SER A 326 -9.99 -17.57 -9.23
CA SER A 326 -8.97 -18.27 -10.00
C SER A 326 -7.55 -17.87 -9.63
N PHE A 327 -7.38 -16.84 -8.82
CA PHE A 327 -6.05 -16.33 -8.49
C PHE A 327 -5.56 -16.92 -7.18
N GLY A 328 -4.24 -16.96 -7.03
CA GLY A 328 -3.63 -17.43 -5.81
C GLY A 328 -2.96 -18.78 -5.95
N PRO A 329 -2.71 -19.43 -4.80
CA PRO A 329 -2.02 -20.73 -4.82
C PRO A 329 -2.78 -21.79 -5.61
N LEU A 330 -2.03 -22.59 -6.36
CA LEU A 330 -2.57 -23.72 -7.09
C LEU A 330 -2.16 -25.00 -6.38
N VAL A 331 -3.12 -25.88 -6.12
CA VAL A 331 -2.90 -27.00 -5.21
C VAL A 331 -3.08 -28.32 -5.93
N ARG A 332 -2.43 -29.35 -5.38
CA ARG A 332 -2.41 -30.69 -5.95
C ARG A 332 -2.40 -31.69 -4.80
N LYS A 333 -2.89 -32.89 -5.07
CA LYS A 333 -2.82 -33.98 -4.10
C LYS A 333 -1.45 -34.65 -4.15
N ILE A 334 -0.85 -34.85 -2.99
CA ILE A 334 0.47 -35.48 -2.88
C ILE A 334 0.39 -36.57 -1.82
N PHE A 335 1.25 -37.58 -1.95
CA PHE A 335 1.30 -38.69 -1.02
C PHE A 335 2.63 -38.71 -0.27
N VAL A 336 2.54 -38.71 1.06
CA VAL A 336 3.69 -38.93 1.93
C VAL A 336 3.33 -40.07 2.86
N ASP A 337 4.21 -41.06 2.96
CA ASP A 337 3.94 -42.32 3.65
C ASP A 337 2.72 -43.03 3.06
N GLY A 338 2.38 -42.72 1.81
CA GLY A 338 1.14 -43.16 1.23
C GLY A 338 -0.09 -42.40 1.68
N VAL A 339 0.09 -41.40 2.54
CA VAL A 339 -1.02 -40.61 3.09
C VAL A 339 -1.18 -39.33 2.28
N PRO A 340 -2.40 -38.98 1.87
CA PRO A 340 -2.60 -37.85 0.95
C PRO A 340 -2.56 -36.50 1.65
N PHE A 341 -1.64 -35.64 1.22
CA PHE A 341 -1.59 -34.23 1.59
C PHE A 341 -2.13 -33.38 0.45
N VAL A 342 -2.38 -32.11 0.75
CA VAL A 342 -2.69 -31.09 -0.25
C VAL A 342 -1.58 -30.04 -0.19
N VAL A 343 -0.84 -29.87 -1.29
CA VAL A 343 0.30 -28.96 -1.32
C VAL A 343 0.19 -28.04 -2.51
N SER A 344 0.77 -26.85 -2.38
CA SER A 344 0.80 -25.88 -3.47
C SER A 344 1.93 -26.21 -4.43
N THR A 345 1.58 -26.41 -5.70
CA THR A 345 2.54 -26.69 -6.75
C THR A 345 2.71 -25.54 -7.72
N GLY A 346 2.16 -24.37 -7.41
CA GLY A 346 2.24 -23.24 -8.31
C GLY A 346 1.45 -22.09 -7.77
N TYR A 347 1.39 -21.03 -8.57
CA TYR A 347 0.68 -19.83 -8.15
C TYR A 347 0.17 -19.14 -9.41
N HIS A 348 -1.05 -18.61 -9.34
CA HIS A 348 -1.62 -17.80 -10.42
C HIS A 348 -1.59 -16.35 -9.97
N PHE A 349 -0.74 -15.53 -10.59
CA PHE A 349 -0.62 -14.13 -10.23
C PHE A 349 -1.48 -13.28 -11.14
N ARG A 350 -2.08 -12.23 -10.58
CA ARG A 350 -2.72 -11.23 -11.43
C ARG A 350 -1.72 -10.55 -12.33
N GLU A 351 -0.53 -10.25 -11.82
CA GLU A 351 0.48 -9.52 -12.57
C GLU A 351 1.48 -10.41 -13.29
N LEU A 352 1.85 -11.57 -12.73
CA LEU A 352 2.89 -12.40 -13.31
C LEU A 352 2.36 -13.63 -14.03
N GLY A 353 1.04 -13.85 -14.07
CA GLY A 353 0.53 -15.03 -14.73
C GLY A 353 0.75 -16.30 -13.92
N VAL A 354 0.80 -17.42 -14.62
CA VAL A 354 0.90 -18.74 -13.99
C VAL A 354 2.35 -19.13 -13.81
N VAL A 355 2.70 -19.52 -12.59
CA VAL A 355 4.04 -20.02 -12.25
C VAL A 355 3.89 -21.40 -11.66
N HIS A 356 4.67 -22.36 -12.16
CA HIS A 356 4.68 -23.72 -11.62
C HIS A 356 5.99 -24.02 -10.92
N ASN A 357 5.91 -24.76 -9.83
CA ASN A 357 7.09 -25.17 -9.09
C ASN A 357 7.84 -26.27 -9.84
N GLN A 358 9.16 -26.18 -9.84
CA GLN A 358 9.99 -27.14 -10.57
C GLN A 358 10.29 -28.39 -9.77
N ASP A 359 10.41 -28.29 -8.44
CA ASP A 359 10.71 -29.44 -7.59
C ASP A 359 9.43 -29.93 -6.93
N VAL A 360 8.69 -30.76 -7.67
CA VAL A 360 7.49 -31.41 -7.17
C VAL A 360 7.63 -32.91 -7.41
N ASN A 361 7.32 -33.70 -6.38
CA ASN A 361 7.41 -35.16 -6.46
C ASN A 361 6.17 -35.77 -5.84
N LEU A 362 5.40 -36.50 -6.64
CA LEU A 362 4.06 -36.94 -6.21
C LEU A 362 4.13 -37.97 -5.09
N HIS A 363 5.21 -38.73 -5.00
CA HIS A 363 5.34 -39.79 -4.00
C HIS A 363 6.63 -39.59 -3.22
N SER A 364 6.52 -39.61 -1.90
CA SER A 364 7.67 -39.41 -1.01
C SER A 364 7.60 -40.42 0.12
N SER A 365 8.77 -40.89 0.55
CA SER A 365 8.84 -41.89 1.60
C SER A 365 8.80 -41.27 2.99
N ARG A 366 9.44 -40.12 3.18
CA ARG A 366 9.55 -39.51 4.50
C ARG A 366 9.69 -38.01 4.30
N LEU A 367 9.30 -37.25 5.32
CA LEU A 367 9.28 -35.79 5.26
C LEU A 367 10.40 -35.23 6.12
N SER A 368 11.31 -34.48 5.50
CA SER A 368 12.41 -33.87 6.23
C SER A 368 11.94 -32.62 6.98
N PHE A 369 12.85 -32.06 7.77
CA PHE A 369 12.55 -30.84 8.52
C PHE A 369 12.24 -29.68 7.58
N LYS A 370 12.99 -29.59 6.46
CA LYS A 370 12.74 -28.53 5.49
C LYS A 370 11.37 -28.65 4.85
N GLU A 371 10.96 -29.86 4.48
CA GLU A 371 9.63 -30.04 3.91
C GLU A 371 8.54 -29.88 4.96
N LEU A 372 8.82 -30.25 6.21
CA LEU A 372 7.88 -29.96 7.28
C LEU A 372 7.65 -28.47 7.39
N LEU A 373 8.72 -27.67 7.34
CA LEU A 373 8.60 -26.22 7.42
C LEU A 373 7.83 -25.68 6.21
N VAL A 374 8.16 -26.16 5.01
CA VAL A 374 7.52 -25.67 3.80
C VAL A 374 6.02 -25.96 3.81
N TYR A 375 5.62 -27.17 4.23
CA TYR A 375 4.21 -27.50 4.24
C TYR A 375 3.47 -26.94 5.44
N ALA A 376 4.17 -26.58 6.51
CA ALA A 376 3.51 -25.85 7.59
C ALA A 376 3.25 -24.41 7.19
N ALA A 377 4.17 -23.80 6.44
CA ALA A 377 3.96 -22.43 5.98
C ALA A 377 2.88 -22.35 4.90
N ASP A 378 2.76 -23.40 4.09
CA ASP A 378 1.87 -23.38 2.94
C ASP A 378 0.41 -23.20 3.39
N PRO A 379 -0.31 -22.20 2.86
CA PRO A 379 -1.72 -22.03 3.25
C PRO A 379 -2.64 -23.12 2.74
N ALA A 380 -2.18 -24.00 1.85
CA ALA A 380 -3.06 -25.01 1.26
C ALA A 380 -3.73 -25.86 2.33
N MET A 381 -2.94 -26.38 3.27
CA MET A 381 -3.49 -27.25 4.31
C MET A 381 -4.52 -26.53 5.16
N HIS A 382 -4.19 -25.31 5.60
CA HIS A 382 -5.07 -24.56 6.49
C HIS A 382 -6.36 -24.18 5.79
N ALA A 383 -6.26 -23.72 4.55
CA ALA A 383 -7.47 -23.34 3.81
C ALA A 383 -8.32 -24.55 3.47
N ALA A 384 -7.69 -25.68 3.17
CA ALA A 384 -8.45 -26.88 2.83
C ALA A 384 -9.13 -27.50 4.05
N SER A 385 -8.56 -27.31 5.24
CA SER A 385 -9.16 -27.88 6.44
C SER A 385 -10.18 -26.95 7.11
N GLY A 386 -10.30 -25.70 6.65
CA GLY A 386 -11.19 -24.76 7.29
C GLY A 386 -12.61 -24.80 6.76
N ASN A 387 -13.48 -24.05 7.43
CA ASN A 387 -14.85 -23.86 6.98
C ASN A 387 -14.93 -22.71 5.99
N LEU A 388 -15.98 -22.72 5.17
CA LEU A 388 -16.22 -21.62 4.26
C LEU A 388 -16.69 -20.40 5.04
N LEU A 389 -16.19 -19.23 4.66
CA LEU A 389 -16.47 -18.00 5.38
C LEU A 389 -17.13 -16.98 4.46
N LEU A 390 -18.19 -16.34 4.96
CA LEU A 390 -18.89 -15.25 4.29
C LEU A 390 -18.92 -14.08 5.26
N ASP A 391 -17.92 -13.21 5.19
CA ASP A 391 -17.79 -12.08 6.11
C ASP A 391 -18.34 -10.84 5.42
N LYS A 392 -19.49 -10.35 5.91
CA LYS A 392 -20.12 -9.18 5.35
C LYS A 392 -19.57 -7.87 5.92
N ARG A 393 -18.73 -7.93 6.95
CA ARG A 393 -18.18 -6.70 7.52
C ARG A 393 -17.22 -6.01 6.58
N THR A 394 -16.55 -6.77 5.72
CA THR A 394 -15.50 -6.26 4.86
C THR A 394 -15.85 -6.51 3.40
N THR A 395 -15.30 -5.66 2.53
CA THR A 395 -15.43 -5.83 1.09
C THR A 395 -14.37 -6.75 0.52
N CYS A 396 -13.45 -7.24 1.33
CA CYS A 396 -12.35 -8.08 0.87
C CYS A 396 -12.79 -9.52 0.72
N PHE A 397 -12.05 -10.25 -0.10
CA PHE A 397 -12.37 -11.64 -0.43
C PHE A 397 -11.97 -12.55 0.72
N SER A 398 -12.94 -13.27 1.27
CA SER A 398 -12.71 -14.21 2.35
C SER A 398 -12.35 -15.58 1.79
N VAL A 399 -11.43 -16.26 2.46
CA VAL A 399 -11.00 -17.58 2.01
C VAL A 399 -11.67 -18.66 2.84
N ALA A 400 -11.33 -18.70 4.13
CA ALA A 400 -11.84 -19.75 4.99
C ALA A 400 -11.78 -19.28 6.44
N ALA A 401 -12.61 -19.88 7.28
CA ALA A 401 -12.55 -19.69 8.72
C ALA A 401 -11.84 -20.89 9.34
N LEU A 402 -10.70 -20.63 9.99
CA LEU A 402 -9.92 -21.71 10.59
C LEU A 402 -10.42 -22.09 11.97
N THR A 403 -11.31 -21.31 12.56
CA THR A 403 -11.80 -21.55 13.91
C THR A 403 -13.32 -21.42 13.90
N ASN A 404 -13.98 -22.17 14.79
CA ASN A 404 -15.43 -22.12 14.89
C ASN A 404 -15.94 -20.80 15.45
N ASN A 405 -15.07 -19.95 15.98
CA ASN A 405 -15.49 -18.70 16.61
C ASN A 405 -14.66 -17.54 16.10
N VAL A 406 -15.33 -16.42 15.83
CA VAL A 406 -14.66 -15.21 15.40
C VAL A 406 -14.04 -14.52 16.61
N ALA A 407 -12.88 -13.89 16.41
CA ALA A 407 -12.18 -13.17 17.46
C ALA A 407 -12.43 -11.67 17.35
N PHE A 408 -12.65 -11.03 18.50
CA PHE A 408 -13.04 -9.62 18.59
C PHE A 408 -12.09 -8.87 19.53
N GLN A 409 -10.79 -9.03 19.30
CA GLN A 409 -9.79 -8.46 20.20
C GLN A 409 -9.91 -6.94 20.29
N THR A 410 -9.82 -6.42 21.51
CA THR A 410 -9.95 -5.00 21.81
C THR A 410 -8.59 -4.37 22.09
N VAL A 411 -8.58 -3.05 22.24
CA VAL A 411 -7.40 -2.30 22.64
C VAL A 411 -7.67 -1.60 23.96
N LYS A 412 -6.78 -1.79 24.92
CA LYS A 412 -6.93 -1.21 26.24
C LYS A 412 -6.60 0.28 26.23
N PRO A 413 -7.14 1.04 27.18
CA PRO A 413 -6.64 2.39 27.41
C PRO A 413 -5.30 2.37 28.13
N GLY A 414 -4.60 3.49 28.04
CA GLY A 414 -3.29 3.58 28.66
C GLY A 414 -3.36 3.87 30.15
N ASN A 415 -2.26 3.57 30.82
CA ASN A 415 -2.14 3.83 32.24
C ASN A 415 -1.67 5.26 32.48
N PHE A 416 -2.03 5.81 33.63
CA PHE A 416 -1.79 7.21 33.95
C PHE A 416 -0.70 7.33 35.01
N ASN A 417 0.28 8.19 34.75
CA ASN A 417 1.38 8.45 35.69
C ASN A 417 1.09 9.71 36.49
N LYS A 418 0.16 9.58 37.44
CA LYS A 418 -0.26 10.74 38.22
C LYS A 418 0.87 11.33 39.06
N ASP A 419 1.89 10.52 39.39
CA ASP A 419 3.04 11.04 40.12
C ASP A 419 3.74 12.14 39.31
N PHE A 420 3.88 11.92 38.00
CA PHE A 420 4.50 12.93 37.14
C PHE A 420 3.55 14.08 36.84
N TYR A 421 2.25 13.79 36.72
CA TYR A 421 1.28 14.84 36.44
C TYR A 421 1.18 15.83 37.59
N ASP A 422 1.19 15.34 38.84
CA ASP A 422 1.16 16.23 39.99
C ASP A 422 2.39 17.13 40.01
N PHE A 423 3.56 16.56 39.68
CA PHE A 423 4.78 17.34 39.60
C PHE A 423 4.67 18.42 38.53
N ALA A 424 4.14 18.06 37.36
CA ALA A 424 4.02 19.02 36.27
C ALA A 424 3.07 20.16 36.63
N VAL A 425 1.92 19.84 37.25
CA VAL A 425 0.97 20.88 37.62
C VAL A 425 1.55 21.76 38.74
N SER A 426 2.32 21.17 39.65
CA SER A 426 2.97 21.96 40.69
C SER A 426 3.89 23.01 40.09
N LYS A 427 4.61 22.66 39.03
CA LYS A 427 5.55 23.57 38.40
C LYS A 427 4.89 24.54 37.43
N GLY A 428 3.57 24.54 37.32
CA GLY A 428 2.85 25.56 36.59
C GLY A 428 2.45 25.24 35.16
N PHE A 429 2.53 23.98 34.74
CA PHE A 429 2.02 23.62 33.43
C PHE A 429 0.50 23.46 33.47
N PHE A 430 -0.07 23.29 32.29
CA PHE A 430 -1.48 22.96 32.08
C PHE A 430 -2.45 24.03 32.58
N LYS A 431 -1.95 25.21 32.92
CA LYS A 431 -2.86 26.32 33.18
C LYS A 431 -3.52 26.77 31.88
N GLU A 432 -4.71 27.37 32.01
CA GLU A 432 -5.46 27.80 30.84
C GLU A 432 -4.70 28.86 30.05
N GLY A 433 -4.88 28.84 28.73
CA GLY A 433 -4.23 29.76 27.84
C GLY A 433 -2.78 29.44 27.51
N SER A 434 -2.23 28.36 28.06
CA SER A 434 -0.88 27.97 27.73
C SER A 434 -0.82 27.43 26.30
N SER A 435 0.30 27.71 25.62
CA SER A 435 0.51 27.13 24.29
C SER A 435 0.87 25.65 24.35
N VAL A 436 1.18 25.13 25.54
CA VAL A 436 1.54 23.74 25.73
C VAL A 436 0.39 23.03 26.43
N GLU A 437 -0.16 22.02 25.77
CA GLU A 437 -1.29 21.28 26.31
C GLU A 437 -1.22 19.84 25.81
N LEU A 438 -1.84 18.94 26.57
CA LEU A 438 -1.82 17.52 26.20
C LEU A 438 -2.68 17.27 24.98
N LYS A 439 -2.11 16.55 24.00
CA LYS A 439 -2.85 16.15 22.82
C LYS A 439 -2.59 14.71 22.37
N HIS A 440 -1.65 14.00 22.98
CA HIS A 440 -1.30 12.64 22.60
C HIS A 440 -1.76 11.67 23.68
N PHE A 441 -2.55 10.69 23.29
CA PHE A 441 -3.18 9.77 24.22
C PHE A 441 -3.12 8.37 23.67
N PHE A 442 -3.36 7.39 24.55
CA PHE A 442 -3.69 6.05 24.11
C PHE A 442 -5.21 5.99 23.90
N PHE A 443 -5.63 5.73 22.66
CA PHE A 443 -7.04 5.70 22.30
C PHE A 443 -7.52 4.25 22.31
N ALA A 444 -8.58 3.98 23.07
CA ALA A 444 -9.13 2.65 23.16
C ALA A 444 -9.85 2.27 21.87
N GLN A 445 -9.94 0.95 21.64
CA GLN A 445 -10.62 0.43 20.43
C GLN A 445 -11.48 -0.77 20.82
N ASP A 446 -12.71 -0.84 20.31
CA ASP A 446 -13.63 -1.93 20.57
C ASP A 446 -13.33 -3.11 19.65
N GLY A 447 -14.15 -4.16 19.74
CA GLY A 447 -13.87 -5.42 19.09
C GLY A 447 -13.90 -5.40 17.58
N ASN A 448 -14.43 -4.34 16.97
CA ASN A 448 -14.45 -4.24 15.51
C ASN A 448 -13.17 -3.66 14.94
N ALA A 449 -12.22 -3.26 15.78
CA ALA A 449 -11.07 -2.48 15.33
C ALA A 449 -10.23 -3.22 14.30
N ALA A 450 -9.92 -4.49 14.58
CA ALA A 450 -8.98 -5.22 13.72
C ALA A 450 -9.54 -5.41 12.32
N ILE A 451 -10.82 -5.75 12.20
CA ILE A 451 -11.41 -5.95 10.88
C ILE A 451 -11.74 -4.62 10.23
N SER A 452 -12.08 -3.60 11.02
CA SER A 452 -12.35 -2.29 10.45
C SER A 452 -11.09 -1.68 9.83
N ASP A 453 -9.93 -1.89 10.46
CA ASP A 453 -8.70 -1.35 9.93
C ASP A 453 -8.27 -2.09 8.67
N TYR A 454 -8.36 -3.43 8.69
CA TYR A 454 -8.08 -4.22 7.51
C TYR A 454 -8.89 -3.76 6.31
N ASP A 455 -10.11 -3.29 6.50
CA ASP A 455 -11.00 -2.89 5.39
C ASP A 455 -10.49 -1.67 4.64
N TYR A 456 -9.48 -0.97 5.14
CA TYR A 456 -8.92 0.13 4.36
C TYR A 456 -8.13 -0.32 3.15
N TYR A 457 -7.96 -1.63 2.94
CA TYR A 457 -7.38 -2.10 1.68
C TYR A 457 -8.31 -1.88 0.50
N ARG A 458 -9.56 -1.47 0.75
CA ARG A 458 -10.48 -1.09 -0.32
C ARG A 458 -9.99 0.12 -1.10
N TYR A 459 -9.01 0.87 -0.57
CA TYR A 459 -8.39 1.94 -1.32
C TYR A 459 -7.33 1.44 -2.30
N ASN A 460 -6.94 0.18 -2.23
CA ASN A 460 -6.05 -0.39 -3.23
C ASN A 460 -6.86 -0.80 -4.44
N LEU A 461 -6.55 -0.22 -5.59
CA LEU A 461 -7.27 -0.47 -6.82
C LEU A 461 -6.29 -0.89 -7.92
N PRO A 462 -6.71 -1.75 -8.84
CA PRO A 462 -5.84 -2.10 -9.96
C PRO A 462 -5.53 -0.89 -10.82
N THR A 463 -4.25 -0.53 -10.88
CA THR A 463 -3.79 0.66 -11.57
C THR A 463 -2.86 0.25 -12.71
N MET A 464 -3.22 0.63 -13.93
CA MET A 464 -2.33 0.48 -15.07
C MET A 464 -1.46 1.73 -15.20
N CYS A 465 -0.18 1.52 -15.44
CA CYS A 465 0.78 2.60 -15.54
C CYS A 465 1.05 2.94 -17.00
N ASP A 466 1.48 4.18 -17.23
CA ASP A 466 2.06 4.56 -18.52
C ASP A 466 3.38 3.83 -18.60
N ILE A 467 3.47 2.82 -19.47
CA ILE A 467 4.56 1.86 -19.36
C ILE A 467 5.88 2.47 -19.84
N ARG A 468 5.83 3.30 -20.89
CA ARG A 468 7.06 3.90 -21.39
C ARG A 468 7.64 4.89 -20.37
N GLN A 469 6.76 5.67 -19.76
CA GLN A 469 7.18 6.59 -18.70
C GLN A 469 7.78 5.84 -17.52
N LEU A 470 7.12 4.77 -17.08
CA LEU A 470 7.63 3.98 -15.97
C LEU A 470 8.97 3.33 -16.31
N LEU A 471 9.12 2.85 -17.54
CA LEU A 471 10.37 2.23 -17.95
C LEU A 471 11.51 3.23 -18.05
N PHE A 472 11.23 4.51 -18.29
CA PHE A 472 12.29 5.50 -18.18
C PHE A 472 12.59 5.83 -16.71
N VAL A 473 11.52 6.00 -15.92
CA VAL A 473 11.66 6.36 -14.51
C VAL A 473 12.50 5.32 -13.76
N VAL A 474 12.31 4.03 -14.08
CA VAL A 474 13.06 3.00 -13.37
C VAL A 474 14.56 3.11 -13.66
N GLU A 475 14.92 3.53 -14.86
CA GLU A 475 16.34 3.74 -15.15
C GLU A 475 16.88 4.98 -14.44
N VAL A 476 16.05 6.01 -14.28
CA VAL A 476 16.52 7.15 -13.50
C VAL A 476 16.53 6.85 -12.01
N VAL A 477 15.52 6.13 -11.52
CA VAL A 477 15.47 5.78 -10.10
C VAL A 477 16.65 4.87 -9.74
N ASP A 478 17.03 3.97 -10.64
CA ASP A 478 18.15 3.08 -10.38
C ASP A 478 19.46 3.82 -10.20
N LYS A 479 19.57 5.05 -10.72
CA LYS A 479 20.80 5.81 -10.56
C LYS A 479 21.00 6.26 -9.12
N TYR A 480 19.91 6.43 -8.37
CA TYR A 480 19.99 6.80 -6.97
C TYR A 480 20.55 5.67 -6.10
N PHE A 481 20.60 4.45 -6.61
CA PHE A 481 21.05 3.28 -5.87
C PHE A 481 22.35 2.71 -6.43
N ASP A 482 23.10 3.50 -7.20
CA ASP A 482 24.32 3.00 -7.83
C ASP A 482 25.45 2.76 -6.84
N CYS A 483 25.47 3.49 -5.72
CA CYS A 483 26.61 3.50 -4.82
C CYS A 483 26.59 2.38 -3.79
N TYR A 484 25.59 1.52 -3.78
CA TYR A 484 25.46 0.46 -2.79
C TYR A 484 25.87 -0.89 -3.37
N ASP A 485 26.53 -1.69 -2.53
CA ASP A 485 26.86 -3.07 -2.85
C ASP A 485 25.73 -4.01 -2.46
N GLY A 486 25.66 -5.15 -3.12
CA GLY A 486 24.61 -6.11 -2.83
C GLY A 486 24.96 -7.48 -3.36
N GLY A 487 23.98 -8.37 -3.29
CA GLY A 487 24.15 -9.75 -3.68
C GLY A 487 23.84 -10.71 -2.54
N CYS A 488 23.73 -11.98 -2.93
CA CYS A 488 23.33 -13.03 -2.00
C CYS A 488 24.48 -13.39 -1.06
N ILE A 489 24.11 -13.74 0.19
CA ILE A 489 25.08 -14.13 1.21
C ILE A 489 24.70 -15.51 1.73
N ASN A 490 25.62 -16.11 2.47
CA ASN A 490 25.38 -17.41 3.09
C ASN A 490 24.62 -17.24 4.40
N ALA A 491 24.00 -18.33 4.85
CA ALA A 491 23.22 -18.29 6.09
C ALA A 491 24.12 -18.07 7.30
N ASN A 492 25.40 -18.46 7.20
CA ASN A 492 26.30 -18.35 8.34
C ASN A 492 26.74 -16.91 8.62
N GLN A 493 26.42 -15.97 7.74
CA GLN A 493 26.80 -14.58 7.91
C GLN A 493 25.61 -13.63 7.95
N VAL A 494 24.40 -14.15 8.12
CA VAL A 494 23.23 -13.31 8.33
C VAL A 494 23.24 -12.75 9.74
N ILE A 495 22.94 -11.46 9.87
CA ILE A 495 22.84 -10.79 11.16
C ILE A 495 21.36 -10.64 11.50
N VAL A 496 20.93 -11.28 12.58
CA VAL A 496 19.54 -11.22 13.03
C VAL A 496 19.52 -10.40 14.31
N ASN A 497 18.82 -9.26 14.29
CA ASN A 497 18.89 -8.32 15.40
C ASN A 497 18.27 -8.89 16.67
N ASN A 498 17.13 -9.57 16.55
CA ASN A 498 16.39 -10.00 17.74
C ASN A 498 15.75 -11.35 17.44
N LEU A 499 16.16 -12.37 18.19
CA LEU A 499 15.62 -13.71 18.03
C LEU A 499 14.37 -13.96 18.86
N ASP A 500 14.13 -13.18 19.91
CA ASP A 500 13.00 -13.41 20.81
C ASP A 500 11.74 -12.68 20.34
N LYS A 501 11.34 -12.92 19.10
CA LYS A 501 10.14 -12.30 18.55
C LYS A 501 9.37 -13.31 17.71
N SER A 502 8.16 -12.93 17.33
CA SER A 502 7.22 -13.86 16.74
C SER A 502 7.70 -14.40 15.40
N ALA A 503 7.46 -15.69 15.18
CA ALA A 503 7.75 -16.35 13.91
C ALA A 503 6.58 -16.37 12.95
N GLY A 504 5.44 -15.78 13.33
CA GLY A 504 4.26 -15.76 12.49
C GLY A 504 3.50 -17.06 12.53
N PHE A 505 2.39 -17.09 11.79
CA PHE A 505 1.47 -18.20 11.74
C PHE A 505 1.92 -19.23 10.70
N PRO A 506 1.85 -20.53 11.01
CA PRO A 506 1.46 -21.14 12.28
C PRO A 506 2.63 -21.35 13.22
N PHE A 507 3.81 -20.83 12.84
CA PHE A 507 5.02 -21.08 13.60
C PHE A 507 4.97 -20.44 14.98
N ASN A 508 4.21 -19.36 15.14
CA ASN A 508 4.08 -18.73 16.46
C ASN A 508 3.33 -19.61 17.44
N LYS A 509 2.70 -20.69 16.98
CA LYS A 509 1.98 -21.60 17.85
C LYS A 509 2.90 -22.42 18.73
N TRP A 510 4.18 -22.56 18.35
CA TRP A 510 5.11 -23.39 19.11
C TRP A 510 6.40 -22.70 19.55
N GLY A 511 6.78 -21.58 18.94
CA GLY A 511 8.03 -20.96 19.35
C GLY A 511 8.26 -19.62 18.68
N LYS A 512 9.32 -18.96 19.13
CA LYS A 512 9.80 -17.71 18.57
C LYS A 512 10.82 -17.98 17.47
N ALA A 513 11.31 -16.89 16.85
CA ALA A 513 12.31 -17.02 15.79
C ALA A 513 13.58 -17.70 16.29
N ARG A 514 13.90 -17.54 17.58
CA ARG A 514 15.05 -18.22 18.16
C ARG A 514 14.97 -19.73 17.94
N LEU A 515 13.78 -20.30 18.12
CA LEU A 515 13.62 -21.74 17.98
C LEU A 515 14.01 -22.22 16.60
N TYR A 516 13.54 -21.51 15.57
CA TYR A 516 13.75 -21.97 14.20
C TYR A 516 15.15 -21.64 13.71
N TYR A 517 15.74 -20.53 14.16
CA TYR A 517 17.14 -20.28 13.82
C TYR A 517 18.08 -21.25 14.52
N ASP A 518 17.72 -21.72 15.71
CA ASP A 518 18.57 -22.70 16.41
C ASP A 518 18.39 -24.10 15.85
N SER A 519 17.17 -24.49 15.52
CA SER A 519 16.90 -25.85 15.09
C SER A 519 17.48 -26.13 13.72
N MET A 520 17.48 -25.15 12.82
CA MET A 520 17.98 -25.34 11.47
C MET A 520 19.48 -25.10 11.43
N SER A 521 20.21 -26.07 10.90
CA SER A 521 21.63 -25.87 10.63
C SER A 521 21.82 -24.91 9.46
N TYR A 522 23.05 -24.45 9.29
CA TYR A 522 23.34 -23.54 8.17
C TYR A 522 23.11 -24.21 6.83
N GLU A 523 23.37 -25.51 6.72
CA GLU A 523 23.12 -26.20 5.46
C GLU A 523 21.64 -26.35 5.17
N ASP A 524 20.81 -26.52 6.22
CA ASP A 524 19.37 -26.55 6.01
C ASP A 524 18.83 -25.19 5.59
N GLN A 525 19.35 -24.12 6.19
CA GLN A 525 18.95 -22.77 5.79
C GLN A 525 19.36 -22.49 4.35
N ASP A 526 20.56 -22.92 3.96
CA ASP A 526 21.01 -22.74 2.58
C ASP A 526 20.17 -23.56 1.61
N ALA A 527 19.76 -24.77 1.99
CA ALA A 527 18.91 -25.57 1.12
C ALA A 527 17.50 -25.03 1.02
N LEU A 528 17.00 -24.38 2.08
CA LEU A 528 15.72 -23.69 1.99
C LEU A 528 15.82 -22.48 1.07
N PHE A 529 16.91 -21.71 1.18
CA PHE A 529 17.10 -20.56 0.29
C PHE A 529 17.23 -20.99 -1.16
N ALA A 530 17.98 -22.06 -1.42
CA ALA A 530 18.12 -22.55 -2.79
C ALA A 530 16.80 -23.05 -3.34
N TYR A 531 15.92 -23.56 -2.47
CA TYR A 531 14.63 -24.07 -2.91
C TYR A 531 13.72 -22.94 -3.39
N THR A 532 13.81 -21.77 -2.76
CA THR A 532 13.01 -20.63 -3.18
C THR A 532 13.50 -19.99 -4.48
N LYS A 533 14.67 -20.37 -4.97
CA LYS A 533 15.10 -19.93 -6.29
C LYS A 533 14.55 -20.80 -7.40
N ARG A 534 13.69 -21.77 -7.10
CA ARG A 534 13.15 -22.69 -8.12
C ARG A 534 11.68 -22.98 -7.82
N ASN A 535 11.18 -22.58 -6.66
CA ASN A 535 9.81 -22.89 -6.29
C ASN A 535 9.23 -21.70 -5.53
N VAL A 536 7.92 -21.53 -5.65
CA VAL A 536 7.20 -20.49 -4.92
C VAL A 536 6.64 -21.08 -3.64
N ILE A 537 6.92 -20.44 -2.51
CA ILE A 537 6.35 -20.81 -1.22
C ILE A 537 5.37 -19.73 -0.81
N PRO A 538 4.06 -19.97 -0.87
CA PRO A 538 3.11 -19.02 -0.28
C PRO A 538 3.08 -19.15 1.23
N THR A 539 2.87 -18.01 1.90
CA THR A 539 2.85 -17.96 3.36
C THR A 539 1.67 -17.13 3.82
N ILE A 540 1.37 -17.22 5.11
CA ILE A 540 0.25 -16.52 5.74
C ILE A 540 0.80 -15.42 6.63
N THR A 541 0.34 -14.20 6.41
CA THR A 541 0.68 -13.08 7.28
C THR A 541 -0.40 -12.88 8.34
N GLN A 542 0.03 -12.62 9.57
CA GLN A 542 -0.86 -12.38 10.69
C GLN A 542 -0.86 -10.90 11.04
N MET A 543 -2.05 -10.35 11.28
CA MET A 543 -2.20 -8.93 11.59
C MET A 543 -2.60 -8.74 13.04
N ASN A 544 -1.90 -7.84 13.73
CA ASN A 544 -2.10 -7.59 15.14
C ASN A 544 -2.24 -6.10 15.39
N LEU A 545 -3.08 -5.74 16.35
CA LEU A 545 -3.24 -4.34 16.75
C LEU A 545 -2.05 -3.86 17.56
N LYS A 546 -1.62 -2.63 17.30
CA LYS A 546 -0.57 -2.01 18.11
C LYS A 546 -1.14 -1.39 19.38
N TYR A 547 -0.24 -1.11 20.31
CA TYR A 547 -0.52 -0.37 21.53
C TYR A 547 0.48 0.79 21.55
N ALA A 548 0.03 1.98 21.17
CA ALA A 548 0.96 3.09 20.94
C ALA A 548 0.23 4.42 21.11
N ILE A 549 0.97 5.43 21.55
CA ILE A 549 0.40 6.76 21.76
C ILE A 549 0.23 7.47 20.44
N SER A 550 -0.80 8.30 20.34
CA SER A 550 -1.04 9.07 19.13
C SER A 550 -2.00 10.21 19.42
N ALA A 551 -2.06 11.15 18.49
CA ALA A 551 -3.06 12.21 18.50
C ALA A 551 -4.33 11.84 17.75
N LYS A 552 -4.35 10.69 17.07
CA LYS A 552 -5.44 10.31 16.20
C LYS A 552 -6.17 9.08 16.74
N ASN A 553 -7.49 9.05 16.55
CA ASN A 553 -8.32 7.96 17.03
C ASN A 553 -8.07 6.64 16.31
N ARG A 554 -7.42 6.68 15.15
CA ARG A 554 -7.25 5.48 14.32
C ARG A 554 -6.54 4.36 15.07
N ALA A 555 -7.00 3.13 14.84
CA ALA A 555 -6.30 1.95 15.43
C ALA A 555 -5.25 1.51 14.42
N ARG A 556 -4.04 1.20 14.89
CA ARG A 556 -2.95 0.79 13.96
C ARG A 556 -2.68 -0.70 14.09
N THR A 557 -2.64 -1.42 12.97
CA THR A 557 -2.30 -2.87 13.00
C THR A 557 -0.90 -3.08 12.41
N VAL A 558 -0.22 -4.14 12.84
CA VAL A 558 1.11 -4.48 12.24
C VAL A 558 1.02 -5.87 11.63
N ALA A 559 1.67 -6.07 10.49
CA ALA A 559 1.60 -7.37 9.78
C ALA A 559 2.79 -8.25 10.17
N GLY A 560 2.54 -9.39 10.82
CA GLY A 560 3.60 -10.32 11.17
C GLY A 560 3.81 -11.40 10.13
N VAL A 561 4.96 -11.40 9.48
CA VAL A 561 5.22 -12.35 8.41
C VAL A 561 5.84 -13.64 8.98
N SER A 562 5.75 -14.70 8.18
CA SER A 562 6.25 -16.01 8.59
C SER A 562 7.77 -16.03 8.66
N ILE A 563 8.30 -16.84 9.57
CA ILE A 563 9.74 -17.02 9.68
C ILE A 563 10.32 -17.61 8.40
N CYS A 564 9.54 -18.43 7.70
CA CYS A 564 10.01 -19.03 6.46
C CYS A 564 10.32 -17.97 5.41
N SER A 565 9.48 -16.94 5.31
CA SER A 565 9.71 -15.86 4.37
C SER A 565 10.84 -14.95 4.84
N THR A 566 10.84 -14.61 6.12
CA THR A 566 11.85 -13.71 6.67
C THR A 566 13.25 -14.28 6.50
N MET A 567 13.41 -15.57 6.77
CA MET A 567 14.73 -16.18 6.76
C MET A 567 15.38 -16.11 5.39
N THR A 568 14.60 -16.37 4.33
CA THR A 568 15.15 -16.28 2.97
C THR A 568 15.25 -14.83 2.49
N ASN A 569 14.36 -13.95 2.94
CA ASN A 569 14.46 -12.56 2.52
C ASN A 569 15.69 -11.89 3.10
N ARG A 570 16.08 -12.24 4.34
CA ARG A 570 17.33 -11.71 4.88
C ARG A 570 18.52 -12.18 4.06
N GLN A 571 18.51 -13.45 3.65
CA GLN A 571 19.63 -14.01 2.90
C GLN A 571 19.69 -13.44 1.49
N PHE A 572 18.56 -12.95 0.98
CA PHE A 572 18.56 -12.26 -0.32
C PHE A 572 18.94 -10.79 -0.22
N HIS A 573 18.42 -10.06 0.78
CA HIS A 573 18.47 -8.61 0.75
C HIS A 573 19.44 -7.96 1.75
N GLN A 574 19.92 -8.69 2.76
CA GLN A 574 20.53 -8.02 3.90
C GLN A 574 21.81 -7.27 3.52
N LYS A 575 22.56 -7.76 2.54
CA LYS A 575 23.80 -7.08 2.15
C LYS A 575 23.51 -5.68 1.63
N LEU A 576 22.50 -5.54 0.77
CA LEU A 576 22.14 -4.22 0.25
C LEU A 576 21.53 -3.35 1.33
N LEU A 577 20.70 -3.91 2.21
CA LEU A 577 20.10 -3.11 3.25
C LEU A 577 21.15 -2.57 4.20
N LYS A 578 22.12 -3.41 4.57
CA LYS A 578 23.22 -2.95 5.41
C LYS A 578 24.07 -1.90 4.70
N SER A 579 24.28 -2.07 3.40
CA SER A 579 25.07 -1.09 2.65
C SER A 579 24.36 0.25 2.59
N ILE A 580 23.04 0.25 2.41
CA ILE A 580 22.28 1.49 2.42
C ILE A 580 22.34 2.14 3.79
N ALA A 581 22.09 1.36 4.85
CA ALA A 581 22.06 1.92 6.19
C ALA A 581 23.43 2.38 6.67
N ALA A 582 24.51 1.93 6.04
CA ALA A 582 25.84 2.36 6.43
C ALA A 582 26.33 3.60 5.70
N THR A 583 25.67 4.02 4.63
CA THR A 583 26.15 5.12 3.80
C THR A 583 25.69 6.46 4.35
N ARG A 584 26.58 7.45 4.25
CA ARG A 584 26.29 8.82 4.66
C ARG A 584 26.41 9.77 3.48
N GLY A 585 25.62 10.83 3.50
CA GLY A 585 25.65 11.83 2.46
C GLY A 585 24.87 11.49 1.21
N ALA A 586 24.11 10.40 1.20
CA ALA A 586 23.34 9.99 0.04
C ALA A 586 21.92 10.52 0.12
N THR A 587 21.13 10.27 -0.93
CA THR A 587 19.74 10.72 -0.94
C THR A 587 18.92 10.01 0.12
N VAL A 588 19.07 8.69 0.23
CA VAL A 588 18.39 7.92 1.25
C VAL A 588 19.16 8.06 2.55
N VAL A 589 18.48 8.51 3.61
CA VAL A 589 19.11 8.81 4.88
C VAL A 589 18.68 7.83 5.97
N ILE A 590 18.22 6.65 5.58
CA ILE A 590 17.99 5.58 6.55
C ILE A 590 19.31 5.21 7.18
N GLY A 591 19.32 5.07 8.50
CA GLY A 591 20.51 4.68 9.23
C GLY A 591 21.37 5.83 9.72
N THR A 592 21.13 7.04 9.24
CA THR A 592 21.86 8.20 9.71
C THR A 592 21.28 8.66 11.05
N SER A 593 22.16 8.92 12.02
CA SER A 593 21.73 9.40 13.32
C SER A 593 21.53 10.91 13.29
N LYS A 594 20.50 11.36 14.01
CA LYS A 594 20.28 12.80 14.18
C LYS A 594 21.17 13.39 15.26
N PHE A 595 21.76 12.56 16.11
CA PHE A 595 22.57 13.02 17.23
C PHE A 595 23.99 13.35 16.77
N TYR A 596 24.69 14.11 17.61
CA TYR A 596 26.09 14.47 17.40
C TYR A 596 26.29 15.21 16.07
N GLY A 597 25.39 16.14 15.77
CA GLY A 597 25.52 16.94 14.57
C GLY A 597 24.98 16.31 13.30
N GLY A 598 24.42 15.10 13.38
CA GLY A 598 23.94 14.45 12.17
C GLY A 598 22.82 15.20 11.47
N TRP A 599 21.91 15.79 12.24
CA TRP A 599 20.80 16.54 11.67
C TRP A 599 21.32 17.73 10.84
N HIS A 600 22.33 18.43 11.37
CA HIS A 600 22.95 19.53 10.63
C HIS A 600 23.59 19.04 9.34
N ASN A 601 24.28 17.90 9.38
CA ASN A 601 24.90 17.37 8.18
C ASN A 601 23.85 16.96 7.15
N MET A 602 22.73 16.40 7.59
CA MET A 602 21.67 16.04 6.65
C MET A 602 21.08 17.28 5.97
N LEU A 603 20.86 18.35 6.74
CA LEU A 603 20.31 19.55 6.12
C LEU A 603 21.31 20.20 5.18
N LYS A 604 22.60 20.22 5.54
CA LYS A 604 23.59 20.77 4.62
C LYS A 604 23.80 19.89 3.40
N THR A 605 23.50 18.60 3.51
CA THR A 605 23.58 17.72 2.34
C THR A 605 22.42 17.97 1.39
N VAL A 606 21.21 18.14 1.94
CA VAL A 606 20.06 18.39 1.05
C VAL A 606 20.14 19.79 0.44
N TYR A 607 20.65 20.77 1.19
CA TYR A 607 20.78 22.13 0.68
C TYR A 607 21.83 22.25 -0.43
N SER A 608 22.36 21.12 -0.91
CA SER A 608 23.73 20.96 -1.43
C SER A 608 24.19 22.19 -2.21
N ASP A 609 23.59 22.51 -3.35
CA ASP A 609 24.02 23.69 -4.12
C ASP A 609 22.90 24.26 -4.98
N VAL A 610 21.65 24.11 -4.52
CA VAL A 610 20.52 24.71 -5.23
C VAL A 610 20.64 26.22 -5.13
N GLU A 611 20.43 26.91 -6.25
CA GLU A 611 20.81 28.31 -6.37
C GLU A 611 19.65 29.30 -6.28
N ASN A 612 18.41 28.82 -6.23
CA ASN A 612 17.27 29.68 -5.83
C ASN A 612 16.41 28.90 -4.84
N PRO A 613 16.98 28.54 -3.69
CA PRO A 613 16.42 27.42 -2.92
C PRO A 613 15.18 27.79 -2.14
N HIS A 614 14.13 26.98 -2.30
CA HIS A 614 13.04 26.85 -1.36
C HIS A 614 12.96 25.40 -0.92
N LEU A 615 12.23 25.15 0.16
CA LEU A 615 12.04 23.80 0.68
C LEU A 615 10.58 23.40 0.56
N MET A 616 10.36 22.10 0.35
CA MET A 616 9.03 21.56 0.15
C MET A 616 8.95 20.20 0.82
N GLY A 617 7.75 19.88 1.30
CA GLY A 617 7.49 18.57 1.85
C GLY A 617 6.04 18.20 1.58
N TRP A 618 5.79 16.91 1.44
CA TRP A 618 4.47 16.42 1.09
C TRP A 618 4.15 15.18 1.91
N ASP A 619 2.90 14.78 1.74
CA ASP A 619 2.44 13.57 2.45
C ASP A 619 1.77 12.62 1.48
N TYR A 620 1.97 11.33 1.64
CA TYR A 620 1.21 10.34 0.90
C TYR A 620 -0.01 9.93 1.71
N PRO A 621 -1.22 10.25 1.27
CA PRO A 621 -2.41 9.73 1.96
C PRO A 621 -2.53 8.22 1.76
N LYS A 622 -2.83 7.52 2.86
CA LYS A 622 -3.13 6.09 2.81
C LYS A 622 -2.01 5.29 2.16
N CYS A 623 -0.76 5.68 2.44
CA CYS A 623 0.39 5.13 1.70
C CYS A 623 0.46 3.61 1.76
N ASP A 624 0.30 3.04 2.95
CA ASP A 624 0.46 1.60 3.12
C ASP A 624 -0.64 0.80 2.43
N ARG A 625 -1.80 1.41 2.19
CA ARG A 625 -2.94 0.71 1.63
C ARG A 625 -3.13 0.97 0.14
N ALA A 626 -2.86 2.19 -0.33
CA ALA A 626 -3.23 2.61 -1.66
C ALA A 626 -2.16 2.37 -2.71
N MET A 627 -0.98 1.89 -2.33
CA MET A 627 0.13 1.73 -3.27
C MET A 627 -0.19 0.74 -4.38
N PRO A 628 -0.07 1.13 -5.65
CA PRO A 628 -0.33 0.19 -6.74
C PRO A 628 0.68 -0.95 -6.77
N ASN A 629 0.21 -2.13 -7.21
CA ASN A 629 1.08 -3.31 -7.28
C ASN A 629 2.21 -3.12 -8.28
N MET A 630 1.99 -2.34 -9.34
CA MET A 630 3.05 -2.09 -10.31
C MET A 630 4.26 -1.44 -9.68
N LEU A 631 4.06 -0.46 -8.81
CA LEU A 631 5.18 0.24 -8.22
C LEU A 631 5.86 -0.57 -7.13
N ARG A 632 5.12 -1.47 -6.46
CA ARG A 632 5.77 -2.40 -5.53
C ARG A 632 6.62 -3.43 -6.26
N ILE A 633 6.13 -3.95 -7.39
CA ILE A 633 6.95 -4.87 -8.17
C ILE A 633 8.16 -4.14 -8.74
N MET A 634 7.97 -2.90 -9.16
CA MET A 634 9.09 -2.04 -9.58
C MET A 634 10.13 -1.91 -8.48
N ALA A 635 9.68 -1.62 -7.26
CA ALA A 635 10.61 -1.45 -6.15
C ALA A 635 11.35 -2.74 -5.84
N SER A 636 10.67 -3.88 -5.96
CA SER A 636 11.34 -5.16 -5.76
C SER A 636 12.39 -5.42 -6.83
N LEU A 637 12.11 -5.03 -8.08
CA LEU A 637 13.08 -5.26 -9.15
C LEU A 637 14.28 -4.32 -9.03
N VAL A 638 14.08 -3.09 -8.56
CA VAL A 638 15.23 -2.20 -8.36
C VAL A 638 16.17 -2.71 -7.28
N LEU A 639 15.61 -3.27 -6.20
CA LEU A 639 16.45 -3.86 -5.17
C LEU A 639 17.19 -5.10 -5.68
N ALA A 640 16.62 -5.84 -6.64
CA ALA A 640 17.24 -7.11 -7.11
C ALA A 640 18.25 -6.89 -8.25
N ARG A 641 18.55 -5.65 -8.61
CA ARG A 641 19.48 -5.35 -9.74
C ARG A 641 20.93 -5.64 -9.35
N LYS A 642 21.21 -5.81 -8.05
CA LYS A 642 22.59 -6.07 -7.55
C LYS A 642 22.88 -7.57 -7.59
N HIS A 643 21.93 -8.37 -8.08
CA HIS A 643 22.06 -9.84 -8.09
C HIS A 643 22.44 -10.36 -9.47
N THR A 644 23.21 -9.57 -10.24
CA THR A 644 23.65 -9.98 -11.60
C THR A 644 24.66 -11.13 -11.59
N THR A 645 25.59 -11.18 -10.63
CA THR A 645 26.66 -12.20 -10.66
C THR A 645 26.32 -13.48 -9.91
N CYS A 646 25.38 -13.46 -8.95
CA CYS A 646 25.09 -14.65 -8.17
C CYS A 646 23.85 -15.37 -8.64
N CYS A 647 22.84 -14.66 -9.14
CA CYS A 647 21.56 -15.23 -9.49
C CYS A 647 21.42 -15.25 -11.00
N SER A 648 20.85 -16.34 -11.53
CA SER A 648 20.41 -16.36 -12.91
C SER A 648 19.04 -15.70 -13.01
N LEU A 649 18.56 -15.54 -14.26
CA LEU A 649 17.29 -14.86 -14.47
C LEU A 649 16.09 -15.68 -14.02
N SER A 650 16.17 -17.01 -14.09
CA SER A 650 15.09 -17.83 -13.52
C SER A 650 15.11 -17.80 -12.00
N HIS A 651 16.31 -17.80 -11.42
CA HIS A 651 16.45 -17.63 -9.98
C HIS A 651 15.85 -16.30 -9.54
N ARG A 652 16.15 -15.23 -10.29
CA ARG A 652 15.61 -13.92 -9.95
C ARG A 652 14.10 -13.87 -10.14
N PHE A 653 13.58 -14.54 -11.17
CA PHE A 653 12.13 -14.55 -11.35
C PHE A 653 11.43 -15.27 -10.21
N TYR A 654 11.96 -16.42 -9.76
CA TYR A 654 11.33 -17.09 -8.63
C TYR A 654 11.50 -16.32 -7.34
N ARG A 655 12.60 -15.58 -7.18
CA ARG A 655 12.72 -14.70 -6.03
C ARG A 655 11.65 -13.61 -6.04
N LEU A 656 11.38 -13.03 -7.22
CA LEU A 656 10.32 -12.03 -7.33
C LEU A 656 8.94 -12.65 -7.10
N ALA A 657 8.70 -13.84 -7.65
CA ALA A 657 7.42 -14.50 -7.47
C ALA A 657 7.18 -14.84 -6.01
N ASN A 658 8.22 -15.28 -5.30
CA ASN A 658 8.12 -15.51 -3.87
C ASN A 658 7.84 -14.23 -3.10
N GLU A 659 8.52 -13.14 -3.48
CA GLU A 659 8.27 -11.86 -2.81
C GLU A 659 6.82 -11.43 -3.00
N CYS A 660 6.29 -11.56 -4.21
CA CYS A 660 4.90 -11.19 -4.46
C CYS A 660 3.95 -12.07 -3.65
N ALA A 661 4.14 -13.40 -3.72
CA ALA A 661 3.24 -14.32 -3.02
C ALA A 661 3.36 -14.23 -1.51
N GLN A 662 4.41 -13.59 -0.99
CA GLN A 662 4.60 -13.48 0.44
C GLN A 662 4.26 -12.12 1.03
N VAL A 663 4.47 -11.02 0.30
CA VAL A 663 4.21 -9.70 0.87
C VAL A 663 3.28 -8.85 0.03
N LEU A 664 2.96 -9.21 -1.22
CA LEU A 664 2.09 -8.34 -2.02
C LEU A 664 0.63 -8.79 -1.94
N SER A 665 0.37 -10.03 -2.33
CA SER A 665 -1.00 -10.56 -2.42
C SER A 665 -1.13 -11.85 -1.62
N GLU A 666 -0.49 -11.92 -0.46
CA GLU A 666 -0.56 -13.11 0.36
C GLU A 666 -1.90 -13.19 1.07
N MET A 667 -2.10 -14.27 1.82
CA MET A 667 -3.28 -14.44 2.64
C MET A 667 -3.03 -13.88 4.03
N VAL A 668 -4.05 -13.22 4.58
CA VAL A 668 -3.93 -12.50 5.83
C VAL A 668 -4.76 -13.20 6.88
N MET A 669 -4.12 -13.57 7.99
CA MET A 669 -4.80 -14.12 9.15
C MET A 669 -5.26 -12.96 10.02
N CYS A 670 -6.57 -12.74 10.08
CA CYS A 670 -7.13 -11.58 10.77
C CYS A 670 -8.31 -12.05 11.62
N GLY A 671 -8.04 -12.32 12.89
CA GLY A 671 -9.09 -12.75 13.79
C GLY A 671 -9.50 -14.19 13.66
N GLY A 672 -8.57 -15.08 13.26
CA GLY A 672 -8.89 -16.48 13.07
C GLY A 672 -9.45 -16.82 11.72
N SER A 673 -9.53 -15.87 10.80
CA SER A 673 -10.08 -16.07 9.48
C SER A 673 -9.06 -15.67 8.42
N LEU A 674 -9.12 -16.33 7.27
CA LEU A 674 -8.18 -16.10 6.18
C LEU A 674 -8.81 -15.21 5.12
N TYR A 675 -8.10 -14.13 4.77
CA TYR A 675 -8.54 -13.18 3.76
C TYR A 675 -7.45 -13.01 2.72
N VAL A 676 -7.83 -12.53 1.55
CA VAL A 676 -6.88 -12.19 0.50
C VAL A 676 -6.59 -10.70 0.57
N LYS A 677 -5.32 -10.35 0.72
CA LYS A 677 -4.91 -8.93 0.73
C LYS A 677 -4.92 -8.44 -0.72
N PRO A 678 -5.69 -7.39 -1.09
CA PRO A 678 -5.67 -6.87 -2.47
C PRO A 678 -4.31 -6.41 -2.94
N GLY A 679 -3.49 -5.87 -2.04
CA GLY A 679 -2.20 -5.31 -2.41
C GLY A 679 -1.72 -4.38 -1.32
N GLY A 680 -0.76 -3.53 -1.70
CA GLY A 680 -0.12 -2.65 -0.75
C GLY A 680 1.03 -3.31 -0.02
N THR A 681 1.74 -2.51 0.76
CA THR A 681 2.93 -2.97 1.44
C THR A 681 2.56 -3.79 2.68
N SER A 682 3.58 -4.37 3.30
CA SER A 682 3.44 -5.08 4.58
C SER A 682 4.44 -4.49 5.56
N SER A 683 3.95 -4.17 6.75
CA SER A 683 4.81 -3.54 7.75
C SER A 683 5.94 -4.47 8.18
N GLY A 684 5.66 -5.77 8.28
CA GLY A 684 6.65 -6.71 8.75
C GLY A 684 7.63 -7.21 7.72
N ASP A 685 7.45 -6.82 6.46
CA ASP A 685 8.38 -7.17 5.42
C ASP A 685 9.76 -6.60 5.75
N ALA A 686 10.81 -7.37 5.44
CA ALA A 686 12.17 -6.96 5.78
C ALA A 686 12.58 -5.68 5.06
N THR A 687 12.05 -5.45 3.86
CA THR A 687 12.50 -4.37 3.00
C THR A 687 11.58 -3.16 3.01
N THR A 688 10.60 -3.11 3.91
CA THR A 688 9.49 -2.17 3.80
C THR A 688 9.97 -0.72 3.67
N ALA A 689 10.85 -0.29 4.58
CA ALA A 689 11.31 1.10 4.55
C ALA A 689 12.10 1.41 3.29
N TYR A 690 12.92 0.46 2.84
CA TYR A 690 13.74 0.68 1.65
C TYR A 690 12.88 0.68 0.39
N ALA A 691 11.91 -0.22 0.30
CA ALA A 691 10.98 -0.22 -0.81
C ALA A 691 10.15 1.05 -0.84
N ASN A 692 9.73 1.54 0.33
CA ASN A 692 8.99 2.80 0.38
C ASN A 692 9.86 3.96 -0.07
N SER A 693 11.16 3.93 0.25
CA SER A 693 12.07 4.94 -0.25
C SER A 693 12.18 4.90 -1.77
N VAL A 694 12.24 3.69 -2.34
CA VAL A 694 12.26 3.55 -3.79
C VAL A 694 10.99 4.12 -4.39
N PHE A 695 9.84 3.81 -3.78
CA PHE A 695 8.56 4.32 -4.25
C PHE A 695 8.50 5.84 -4.19
N ASN A 696 9.00 6.44 -3.12
CA ASN A 696 8.97 7.88 -2.98
C ASN A 696 9.84 8.54 -4.04
N ILE A 697 11.03 7.99 -4.29
CA ILE A 697 11.88 8.51 -5.36
C ILE A 697 11.19 8.35 -6.71
N CYS A 698 10.55 7.22 -6.95
CA CYS A 698 9.85 6.99 -8.21
C CYS A 698 8.76 8.04 -8.44
N GLN A 699 7.97 8.33 -7.40
CA GLN A 699 6.91 9.31 -7.54
C GLN A 699 7.47 10.71 -7.78
N ALA A 700 8.59 11.05 -7.13
CA ALA A 700 9.19 12.36 -7.36
C ALA A 700 9.74 12.49 -8.78
N VAL A 701 10.38 11.45 -9.30
CA VAL A 701 10.88 11.50 -10.67
C VAL A 701 9.72 11.57 -11.67
N THR A 702 8.61 10.88 -11.38
CA THR A 702 7.44 10.99 -12.24
C THR A 702 6.89 12.40 -12.24
N ALA A 703 6.82 13.03 -11.06
CA ALA A 703 6.34 14.39 -10.97
C ALA A 703 7.23 15.33 -11.78
N ASN A 704 8.55 15.15 -11.70
CA ASN A 704 9.45 16.02 -12.46
C ASN A 704 9.30 15.81 -13.96
N VAL A 705 9.19 14.56 -14.40
CA VAL A 705 9.04 14.28 -15.82
C VAL A 705 7.73 14.87 -16.35
N ASN A 706 6.64 14.73 -15.60
CA ASN A 706 5.36 15.27 -16.04
C ASN A 706 5.36 16.79 -16.05
N ALA A 707 6.01 17.41 -15.06
CA ALA A 707 6.13 18.86 -15.07
C ALA A 707 6.91 19.34 -16.28
N LEU A 708 7.99 18.65 -16.61
CA LEU A 708 8.81 19.07 -17.75
C LEU A 708 8.10 18.85 -19.08
N LEU A 709 7.36 17.75 -19.21
CA LEU A 709 6.69 17.48 -20.49
C LEU A 709 5.36 18.21 -20.64
N SER A 710 4.80 18.76 -19.57
CA SER A 710 3.54 19.48 -19.68
C SER A 710 3.74 20.97 -19.94
N THR A 711 4.97 21.47 -19.99
CA THR A 711 5.21 22.88 -20.19
C THR A 711 5.32 23.21 -21.68
N ASP A 712 4.97 24.46 -22.01
CA ASP A 712 5.03 24.93 -23.40
C ASP A 712 6.49 25.09 -23.81
N GLY A 713 6.94 24.24 -24.73
CA GLY A 713 8.33 24.25 -25.14
C GLY A 713 8.76 25.56 -25.79
N ASN A 714 7.84 26.22 -26.49
CA ASN A 714 8.18 27.47 -27.15
C ASN A 714 8.46 28.58 -26.14
N LYS A 715 7.86 28.49 -24.95
CA LYS A 715 8.05 29.51 -23.93
C LYS A 715 9.28 29.28 -23.06
N ILE A 716 9.89 28.10 -23.13
CA ILE A 716 11.13 27.84 -22.41
C ILE A 716 12.23 28.74 -22.97
N ALA A 717 12.73 29.66 -22.15
CA ALA A 717 13.73 30.60 -22.64
C ALA A 717 15.10 29.96 -22.80
N ASP A 718 15.42 28.96 -21.98
CA ASP A 718 16.76 28.38 -21.97
C ASP A 718 16.88 27.34 -23.08
N LYS A 719 17.89 27.51 -23.93
CA LYS A 719 18.16 26.54 -24.99
C LYS A 719 18.40 25.14 -24.41
N TYR A 720 19.16 25.06 -23.32
CA TYR A 720 19.52 23.76 -22.76
C TYR A 720 18.30 23.00 -22.26
N VAL A 721 17.41 23.69 -21.54
CA VAL A 721 16.24 23.01 -21.01
C VAL A 721 15.25 22.63 -22.11
N ARG A 722 15.14 23.45 -23.16
CA ARG A 722 14.30 23.08 -24.29
C ARG A 722 14.83 21.84 -25.00
N ASN A 723 16.14 21.76 -25.20
CA ASN A 723 16.73 20.56 -25.79
C ASN A 723 16.54 19.36 -24.87
N LEU A 724 16.64 19.58 -23.56
CA LEU A 724 16.42 18.50 -22.60
C LEU A 724 14.99 17.99 -22.67
N GLN A 725 14.01 18.89 -22.81
CA GLN A 725 12.63 18.45 -22.94
C GLN A 725 12.42 17.64 -24.21
N HIS A 726 12.99 18.09 -25.32
CA HIS A 726 12.87 17.35 -26.56
C HIS A 726 13.46 15.95 -26.43
N ARG A 727 14.66 15.84 -25.87
CA ARG A 727 15.32 14.51 -25.71
C ARG A 727 14.61 13.65 -24.68
N LEU A 728 14.00 14.26 -23.67
CA LEU A 728 13.21 13.48 -22.72
C LEU A 728 12.00 12.86 -23.40
N TYR A 729 11.26 13.66 -24.20
CA TYR A 729 10.11 13.10 -24.89
C TYR A 729 10.54 11.99 -25.86
N GLU A 730 11.62 12.24 -26.60
CA GLU A 730 12.12 11.24 -27.54
C GLU A 730 12.52 9.96 -26.82
N CYS A 731 13.14 10.09 -25.64
CA CYS A 731 13.63 8.92 -24.92
C CYS A 731 12.50 8.14 -24.26
N LEU A 732 11.39 8.80 -23.91
CA LEU A 732 10.25 8.05 -23.41
C LEU A 732 9.48 7.36 -24.53
N TYR A 733 8.99 8.12 -25.51
CA TYR A 733 8.01 7.54 -26.42
C TYR A 733 8.55 7.17 -27.80
N ARG A 734 9.76 7.57 -28.17
CA ARG A 734 10.30 7.22 -29.47
C ARG A 734 11.39 6.16 -29.42
N ASN A 735 12.24 6.16 -28.40
CA ASN A 735 13.26 5.13 -28.26
C ASN A 735 12.76 4.01 -27.35
N ARG A 736 13.30 2.81 -27.56
CA ARG A 736 13.01 1.68 -26.69
C ARG A 736 14.26 1.04 -26.10
N ASP A 737 15.43 1.22 -26.71
CA ASP A 737 16.68 0.95 -26.01
C ASP A 737 16.91 2.02 -24.95
N VAL A 738 17.59 1.62 -23.87
CA VAL A 738 17.90 2.58 -22.80
C VAL A 738 19.02 3.49 -23.27
N ASP A 739 18.77 4.80 -23.23
CA ASP A 739 19.79 5.81 -23.56
C ASP A 739 20.49 6.18 -22.26
N THR A 740 21.59 5.48 -21.97
CA THR A 740 22.28 5.67 -20.70
C THR A 740 22.83 7.08 -20.55
N ASP A 741 23.24 7.72 -21.66
CA ASP A 741 23.76 9.07 -21.57
C ASP A 741 22.68 10.06 -21.16
N PHE A 742 21.45 9.88 -21.66
CA PHE A 742 20.39 10.78 -21.23
C PHE A 742 19.93 10.47 -19.81
N VAL A 743 19.97 9.22 -19.38
CA VAL A 743 19.68 8.92 -17.98
C VAL A 743 20.69 9.60 -17.08
N ASN A 744 21.98 9.55 -17.46
CA ASN A 744 23.01 10.24 -16.69
C ASN A 744 22.75 11.75 -16.65
N GLU A 745 22.41 12.33 -17.79
CA GLU A 745 22.23 13.78 -17.85
C GLU A 745 20.98 14.23 -17.07
N PHE A 746 19.90 13.47 -17.16
CA PHE A 746 18.68 13.84 -16.44
C PHE A 746 18.85 13.63 -14.95
N TYR A 747 19.59 12.59 -14.55
CA TYR A 747 19.88 12.41 -13.13
C TYR A 747 20.74 13.54 -12.60
N ALA A 748 21.73 13.98 -13.38
CA ALA A 748 22.53 15.14 -12.98
C ALA A 748 21.67 16.40 -12.87
N TYR A 749 20.72 16.56 -13.80
CA TYR A 749 19.82 17.70 -13.76
C TYR A 749 18.98 17.70 -12.48
N LEU A 750 18.43 16.55 -12.12
CA LEU A 750 17.64 16.47 -10.89
C LEU A 750 18.50 16.71 -9.66
N ARG A 751 19.71 16.15 -9.63
CA ARG A 751 20.60 16.38 -8.50
C ARG A 751 20.96 17.86 -8.37
N LYS A 752 21.07 18.56 -9.50
CA LYS A 752 21.41 19.97 -9.48
C LYS A 752 20.23 20.84 -9.06
N HIS A 753 19.00 20.50 -9.48
CA HIS A 753 17.87 21.40 -9.31
C HIS A 753 16.77 20.88 -8.39
N PHE A 754 16.73 19.58 -8.08
CA PHE A 754 15.63 19.03 -7.29
C PHE A 754 16.19 18.04 -6.27
N SER A 755 17.17 18.48 -5.49
CA SER A 755 17.85 17.58 -4.56
C SER A 755 16.91 17.17 -3.43
N MET A 756 16.97 15.89 -3.08
CA MET A 756 16.02 15.26 -2.18
C MET A 756 16.69 14.66 -0.96
N MET A 757 15.95 14.62 0.14
CA MET A 757 16.32 13.85 1.32
C MET A 757 15.18 12.88 1.57
N ILE A 758 15.44 11.57 1.51
CA ILE A 758 14.32 10.60 1.57
C ILE A 758 14.47 9.57 2.69
N LEU A 759 13.50 9.49 3.58
CA LEU A 759 13.49 8.39 4.58
C LEU A 759 12.11 7.75 4.46
N SER A 760 12.03 6.54 3.88
CA SER A 760 10.72 5.86 3.68
C SER A 760 9.77 6.76 2.87
N ASP A 761 8.59 7.05 3.40
CA ASP A 761 7.59 7.90 2.71
C ASP A 761 7.75 9.39 3.08
N ASP A 762 8.72 9.74 3.93
CA ASP A 762 8.96 11.17 4.28
C ASP A 762 9.99 11.78 3.34
N ALA A 763 9.87 13.08 3.00
CA ALA A 763 10.78 13.67 2.04
C ALA A 763 10.91 15.16 2.28
N VAL A 764 12.13 15.67 2.07
CA VAL A 764 12.40 17.10 2.04
C VAL A 764 13.14 17.39 0.74
N VAL A 765 12.67 18.38 -0.01
CA VAL A 765 13.26 18.74 -1.28
C VAL A 765 13.73 20.18 -1.23
N CYS A 766 14.96 20.41 -1.67
CA CYS A 766 15.47 21.74 -1.95
C CYS A 766 15.47 21.93 -3.45
N PHE A 767 14.64 22.84 -3.94
CA PHE A 767 14.41 22.99 -5.36
C PHE A 767 14.65 24.43 -5.79
N ASN A 768 15.01 24.59 -7.07
CA ASN A 768 15.25 25.89 -7.67
C ASN A 768 13.90 26.58 -7.90
N SER A 769 13.68 27.70 -7.21
CA SER A 769 12.37 28.35 -7.21
C SER A 769 12.02 28.89 -8.60
N THR A 770 12.99 29.45 -9.30
CA THR A 770 12.72 30.02 -10.62
C THR A 770 12.29 28.95 -11.60
N TYR A 771 12.95 27.79 -11.58
CA TYR A 771 12.55 26.68 -12.44
C TYR A 771 11.16 26.15 -12.08
N ALA A 772 10.85 26.06 -10.79
CA ALA A 772 9.53 25.61 -10.38
C ALA A 772 8.44 26.59 -10.79
N SER A 773 8.73 27.90 -10.75
CA SER A 773 7.75 28.87 -11.17
C SER A 773 7.52 28.85 -12.68
N GLN A 774 8.55 28.50 -13.44
CA GLN A 774 8.45 28.38 -14.89
C GLN A 774 7.97 27.01 -15.34
N GLY A 775 7.74 26.08 -14.42
CA GLY A 775 7.36 24.74 -14.79
C GLY A 775 8.50 23.86 -15.24
N LEU A 776 9.74 24.19 -14.87
CA LEU A 776 10.90 23.39 -15.26
C LEU A 776 11.19 22.27 -14.27
N VAL A 777 10.75 22.38 -13.02
CA VAL A 777 10.84 21.31 -12.04
C VAL A 777 9.50 21.19 -11.34
N ALA A 778 9.29 20.05 -10.69
CA ALA A 778 8.00 19.75 -10.08
C ALA A 778 7.70 20.66 -8.91
N SER A 779 6.42 20.92 -8.70
CA SER A 779 5.90 21.61 -7.53
C SER A 779 4.79 20.75 -6.90
N ILE A 780 4.14 21.30 -5.88
CA ILE A 780 3.08 20.57 -5.19
C ILE A 780 1.94 20.22 -6.14
N LYS A 781 1.68 21.09 -7.12
CA LYS A 781 0.66 20.82 -8.13
C LYS A 781 0.95 19.52 -8.89
N ASN A 782 2.20 19.34 -9.30
CA ASN A 782 2.56 18.15 -10.07
C ASN A 782 2.47 16.88 -9.22
N PHE A 783 2.86 16.95 -7.96
CA PHE A 783 2.66 15.80 -7.08
C PHE A 783 1.17 15.50 -6.89
N LYS A 784 0.34 16.54 -6.79
CA LYS A 784 -1.09 16.32 -6.68
C LYS A 784 -1.62 15.56 -7.89
N SER A 785 -1.22 15.98 -9.09
CA SER A 785 -1.70 15.33 -10.30
C SER A 785 -1.19 13.89 -10.40
N VAL A 786 0.10 13.67 -10.11
CA VAL A 786 0.68 12.34 -10.21
C VAL A 786 0.02 11.40 -9.22
N LEU A 787 -0.18 11.85 -7.98
CA LEU A 787 -0.84 11.01 -6.99
C LEU A 787 -2.30 10.76 -7.32
N TYR A 788 -2.94 11.68 -8.06
CA TYR A 788 -4.31 11.42 -8.50
C TYR A 788 -4.36 10.32 -9.56
N TYR A 789 -3.50 10.39 -10.57
CA TYR A 789 -3.69 9.47 -11.69
C TYR A 789 -2.91 8.17 -11.54
N GLN A 790 -1.93 8.12 -10.64
CA GLN A 790 -1.05 6.92 -10.51
C GLN A 790 -1.20 6.22 -9.15
N ASN A 791 -1.56 6.90 -8.08
CA ASN A 791 -1.62 6.28 -6.74
C ASN A 791 -3.07 6.19 -6.27
N ASN A 792 -4.03 6.80 -6.99
CA ASN A 792 -5.48 6.71 -6.64
C ASN A 792 -5.80 7.40 -5.31
N VAL A 793 -5.20 8.56 -5.02
CA VAL A 793 -5.46 9.32 -3.81
C VAL A 793 -5.49 10.80 -4.16
N PHE A 794 -6.18 11.58 -3.32
CA PHE A 794 -6.14 13.03 -3.41
C PHE A 794 -5.24 13.58 -2.31
N MET A 795 -4.17 14.26 -2.71
CA MET A 795 -3.26 14.93 -1.78
C MET A 795 -3.72 16.37 -1.62
N SER A 796 -4.31 16.68 -0.47
CA SER A 796 -4.75 18.04 -0.19
C SER A 796 -3.58 18.90 0.27
N GLU A 797 -3.56 20.14 -0.20
CA GLU A 797 -2.46 21.05 0.13
C GLU A 797 -2.39 21.41 1.60
N ALA A 798 -3.45 21.11 2.37
CA ALA A 798 -3.43 21.40 3.80
C ALA A 798 -2.32 20.65 4.53
N LYS A 799 -2.03 19.43 4.09
CA LYS A 799 -0.99 18.61 4.72
C LYS A 799 0.39 18.83 4.11
N CYS A 800 0.50 19.61 3.04
CA CYS A 800 1.77 19.93 2.43
C CYS A 800 2.28 21.27 2.97
N TRP A 801 3.56 21.54 2.72
CA TRP A 801 4.15 22.78 3.22
C TRP A 801 5.25 23.24 2.28
N THR A 802 5.56 24.54 2.38
CA THR A 802 6.66 25.15 1.64
C THR A 802 7.29 26.22 2.52
N GLU A 803 8.62 26.26 2.54
CA GLU A 803 9.37 27.23 3.31
C GLU A 803 10.31 27.98 2.37
N THR A 804 10.23 29.31 2.40
CA THR A 804 10.99 30.14 1.47
C THR A 804 12.34 30.59 2.01
N ASP A 805 12.57 30.46 3.31
CA ASP A 805 13.81 30.93 3.94
C ASP A 805 14.60 29.73 4.44
N LEU A 806 15.80 29.53 3.89
CA LEU A 806 16.63 28.40 4.29
C LEU A 806 17.27 28.56 5.67
N THR A 807 17.27 29.76 6.24
CA THR A 807 17.72 29.88 7.62
C THR A 807 16.73 29.26 8.59
N LYS A 808 15.46 29.23 8.23
CA LYS A 808 14.53 28.29 8.83
C LYS A 808 14.80 26.90 8.27
N GLY A 809 14.45 25.88 9.04
CA GLY A 809 14.65 24.53 8.60
C GLY A 809 13.50 24.06 7.75
N PRO A 810 13.48 22.77 7.43
CA PRO A 810 12.24 22.17 6.92
C PRO A 810 11.17 22.24 7.99
N HIS A 811 9.93 22.46 7.56
CA HIS A 811 8.85 22.64 8.52
C HIS A 811 8.61 21.38 9.33
N GLU A 812 8.71 20.21 8.69
CA GLU A 812 8.31 18.97 9.32
C GLU A 812 9.02 17.82 8.62
N PHE A 813 9.85 17.09 9.35
CA PHE A 813 10.52 15.91 8.81
C PHE A 813 10.71 14.91 9.94
N CYS A 814 10.18 13.71 9.75
CA CYS A 814 10.25 12.64 10.75
C CYS A 814 9.76 13.12 12.11
N SER A 815 8.67 13.90 12.09
CA SER A 815 8.01 14.43 13.28
C SER A 815 8.90 15.35 14.11
N GLN A 816 9.93 15.94 13.50
CA GLN A 816 10.79 16.90 14.17
C GLN A 816 10.74 18.25 13.47
N HIS A 817 10.61 19.32 14.25
CA HIS A 817 10.83 20.66 13.74
C HIS A 817 12.31 21.02 13.83
N THR A 818 12.67 22.15 13.25
CA THR A 818 14.06 22.56 13.16
C THR A 818 14.20 24.01 13.61
N MET A 819 15.29 24.29 14.33
CA MET A 819 15.65 25.65 14.71
C MET A 819 17.13 25.86 14.48
N LEU A 820 17.48 27.08 14.05
CA LEU A 820 18.89 27.47 13.92
C LEU A 820 19.37 28.02 15.25
N VAL A 821 20.37 27.36 15.82
CA VAL A 821 20.80 27.59 17.20
C VAL A 821 22.29 27.95 17.19
N LYS A 822 22.65 28.98 17.95
CA LYS A 822 24.05 29.30 18.17
C LYS A 822 24.62 28.32 19.18
N GLN A 823 25.64 27.57 18.75
CA GLN A 823 26.25 26.53 19.59
C GLN A 823 27.76 26.66 19.43
N GLY A 824 28.40 27.25 20.43
CA GLY A 824 29.82 27.54 20.30
C GLY A 824 30.03 28.79 19.46
N ASP A 825 30.95 28.70 18.51
CA ASP A 825 31.27 29.82 17.64
C ASP A 825 30.46 29.84 16.35
N ASP A 826 29.55 28.91 16.14
CA ASP A 826 28.83 28.83 14.88
C ASP A 826 27.42 28.30 15.12
N TYR A 827 26.56 28.51 14.13
CA TYR A 827 25.15 28.16 14.20
C TYR A 827 24.92 26.78 13.62
N VAL A 828 24.04 26.00 14.27
CA VAL A 828 23.73 24.65 13.84
C VAL A 828 22.22 24.44 13.87
N TYR A 829 21.77 23.46 13.09
CA TYR A 829 20.37 23.07 13.05
C TYR A 829 20.11 21.97 14.07
N LEU A 830 19.18 22.21 14.99
CA LEU A 830 18.81 21.23 15.98
C LEU A 830 17.38 20.77 15.75
N PRO A 831 17.13 19.47 15.81
CA PRO A 831 15.74 18.98 15.75
C PRO A 831 15.08 19.03 17.11
N TYR A 832 13.77 19.30 17.11
CA TYR A 832 13.03 19.30 18.36
C TYR A 832 11.61 18.78 18.16
N PRO A 833 11.11 18.01 19.11
CA PRO A 833 9.78 17.43 18.98
C PRO A 833 8.68 18.40 19.43
N ASP A 834 7.46 18.00 19.12
CA ASP A 834 6.28 18.67 19.66
C ASP A 834 6.23 18.46 21.17
N PRO A 835 6.18 19.52 21.97
CA PRO A 835 6.18 19.35 23.43
C PRO A 835 5.05 18.48 23.94
N SER A 836 3.89 18.53 23.29
CA SER A 836 2.78 17.67 23.68
C SER A 836 3.14 16.20 23.56
N ARG A 837 3.96 15.84 22.57
CA ARG A 837 4.34 14.44 22.38
C ARG A 837 5.18 13.94 23.54
N ILE A 838 6.13 14.76 24.00
CA ILE A 838 6.98 14.36 25.12
C ILE A 838 6.19 14.35 26.43
N LEU A 839 5.31 15.32 26.64
CA LEU A 839 4.49 15.30 27.84
C LEU A 839 3.55 14.11 27.85
N GLY A 840 3.01 13.73 26.69
CA GLY A 840 2.21 12.53 26.62
C GLY A 840 3.02 11.28 26.92
N ALA A 841 4.25 11.21 26.41
CA ALA A 841 5.09 10.07 26.72
C ALA A 841 5.45 10.01 28.20
N GLY A 842 5.42 11.15 28.88
CA GLY A 842 5.62 11.16 30.32
C GLY A 842 4.40 10.77 31.12
N CYS A 843 3.23 11.32 30.74
CA CYS A 843 2.03 11.16 31.56
C CYS A 843 1.43 9.76 31.43
N PHE A 844 1.46 9.18 30.23
CA PHE A 844 0.77 7.92 29.98
C PHE A 844 1.75 6.85 29.55
N VAL A 845 1.54 5.64 30.07
CA VAL A 845 2.39 4.49 29.76
C VAL A 845 1.49 3.30 29.42
N ASP A 846 2.04 2.31 28.75
CA ASP A 846 1.25 1.12 28.32
C ASP A 846 1.54 -0.07 29.24
N ASP A 847 2.21 0.10 30.38
CA ASP A 847 2.38 -0.98 31.34
C ASP A 847 2.64 -0.37 32.71
N ILE A 848 1.94 -0.88 33.73
CA ILE A 848 2.09 -0.37 35.09
C ILE A 848 3.50 -0.59 35.63
N VAL A 849 4.21 -1.60 35.12
CA VAL A 849 5.55 -1.87 35.62
C VAL A 849 6.52 -0.73 35.29
N LYS A 850 6.21 0.06 34.26
CA LYS A 850 7.03 1.23 33.93
C LYS A 850 6.83 2.39 34.91
N THR A 851 6.09 2.18 36.00
CA THR A 851 6.06 3.13 37.11
C THR A 851 7.15 2.84 38.13
N ASP A 852 7.78 1.67 38.06
CA ASP A 852 8.90 1.34 38.93
C ASP A 852 10.04 2.32 38.67
N GLY A 853 10.64 2.82 39.75
CA GLY A 853 11.65 3.86 39.63
C GLY A 853 12.82 3.47 38.73
N THR A 854 13.22 2.20 38.77
CA THR A 854 14.41 1.78 38.02
C THR A 854 14.21 1.90 36.51
N LEU A 855 13.02 1.57 36.01
CA LEU A 855 12.75 1.75 34.59
C LEU A 855 12.28 3.17 34.29
N MET A 856 11.57 3.78 35.25
CA MET A 856 11.06 5.12 35.06
C MET A 856 12.19 6.13 34.89
N ILE A 857 13.27 5.97 35.66
CA ILE A 857 14.39 6.90 35.55
C ILE A 857 15.03 6.81 34.17
N GLU A 858 15.21 5.59 33.65
CA GLU A 858 15.78 5.44 32.31
C GLU A 858 14.86 6.01 31.24
N ARG A 859 13.55 5.85 31.43
CA ARG A 859 12.56 6.35 30.44
C ARG A 859 12.60 7.87 30.41
N PHE A 860 12.70 8.52 31.57
CA PHE A 860 12.80 9.97 31.61
C PHE A 860 14.15 10.48 31.13
N VAL A 861 15.23 9.71 31.32
CA VAL A 861 16.49 10.08 30.68
C VAL A 861 16.36 10.10 29.16
N SER A 862 15.69 9.09 28.60
CA SER A 862 15.48 9.08 27.16
C SER A 862 14.63 10.25 26.70
N LEU A 863 13.55 10.55 27.44
CA LEU A 863 12.69 11.65 27.05
C LEU A 863 13.35 13.01 27.27
N ALA A 864 14.30 13.10 28.20
CA ALA A 864 15.06 14.33 28.35
C ALA A 864 16.11 14.50 27.25
N ILE A 865 16.70 13.40 26.78
CA ILE A 865 17.57 13.49 25.62
C ILE A 865 16.77 13.96 24.42
N ASP A 866 15.53 13.51 24.29
CA ASP A 866 14.69 13.99 23.19
C ASP A 866 14.23 15.43 23.38
N ALA A 867 13.93 15.83 24.61
CA ALA A 867 13.34 17.15 24.87
C ALA A 867 14.37 18.27 24.97
N TYR A 868 15.66 17.94 25.07
CA TYR A 868 16.67 18.95 25.36
C TYR A 868 16.66 20.16 24.44
N PRO A 869 16.55 20.02 23.11
CA PRO A 869 16.61 21.22 22.25
C PRO A 869 15.53 22.25 22.52
N LEU A 870 14.47 21.89 23.27
CA LEU A 870 13.41 22.84 23.56
C LEU A 870 13.91 24.05 24.36
N THR A 871 15.00 23.90 25.10
CA THR A 871 15.54 25.02 25.86
C THR A 871 16.02 26.15 24.98
N LYS A 872 16.38 25.87 23.73
CA LYS A 872 16.82 26.91 22.81
C LYS A 872 15.67 27.64 22.15
N HIS A 873 14.44 27.17 22.35
CA HIS A 873 13.28 27.76 21.70
C HIS A 873 12.95 29.11 22.36
N PRO A 874 12.64 30.14 21.55
CA PRO A 874 12.23 31.42 22.13
C PRO A 874 11.02 31.33 23.03
N ASN A 875 10.11 30.39 22.78
CA ASN A 875 8.90 30.25 23.59
C ASN A 875 9.28 29.62 24.92
N GLN A 876 9.24 30.42 25.99
CA GLN A 876 9.62 29.93 27.31
C GLN A 876 8.71 28.80 27.79
N GLU A 877 7.47 28.76 27.32
CA GLU A 877 6.60 27.64 27.64
C GLU A 877 7.14 26.33 27.07
N TYR A 878 7.86 26.40 25.95
CA TYR A 878 8.51 25.22 25.40
C TYR A 878 9.78 24.87 26.17
N ALA A 879 10.55 25.89 26.56
CA ALA A 879 11.82 25.66 27.23
C ALA A 879 11.62 24.96 28.57
N ASP A 880 10.55 25.30 29.29
CA ASP A 880 10.33 24.73 30.62
C ASP A 880 10.02 23.24 30.58
N VAL A 881 9.73 22.68 29.41
CA VAL A 881 9.45 21.25 29.33
C VAL A 881 10.70 20.43 29.66
N PHE A 882 11.88 20.90 29.24
CA PHE A 882 13.11 20.18 29.56
C PHE A 882 13.43 20.27 31.04
N HIS A 883 13.34 21.48 31.61
CA HIS A 883 13.66 21.66 33.02
C HIS A 883 12.74 20.86 33.92
N LEU A 884 11.49 20.69 33.52
CA LEU A 884 10.58 19.80 34.25
C LEU A 884 11.13 18.39 34.29
N TYR A 885 11.60 17.88 33.16
CA TYR A 885 12.13 16.52 33.11
C TYR A 885 13.39 16.38 33.94
N LEU A 886 14.27 17.39 33.90
CA LEU A 886 15.47 17.32 34.73
C LEU A 886 15.14 17.39 36.22
N GLN A 887 14.18 18.25 36.60
CA GLN A 887 13.79 18.32 38.00
C GLN A 887 13.19 16.99 38.46
N TYR A 888 12.40 16.36 37.60
CA TYR A 888 11.83 15.07 37.96
C TYR A 888 12.90 14.00 38.06
N ILE A 889 13.92 14.08 37.21
CA ILE A 889 15.05 13.15 37.32
C ILE A 889 15.81 13.36 38.62
N ARG A 890 15.99 14.62 39.03
CA ARG A 890 16.56 14.88 40.35
C ARG A 890 15.73 14.24 41.45
N LYS A 891 14.41 14.41 41.39
CA LYS A 891 13.54 13.83 42.41
C LYS A 891 13.67 12.31 42.45
N LEU A 892 13.65 11.67 41.27
CA LEU A 892 13.74 10.21 41.21
C LEU A 892 15.10 9.72 41.70
N HIS A 893 16.18 10.41 41.30
CA HIS A 893 17.52 10.02 41.74
C HIS A 893 17.67 10.20 43.24
N ASP A 894 17.05 11.23 43.81
CA ASP A 894 17.06 11.40 45.26
C ASP A 894 16.29 10.29 45.95
N GLU A 895 15.15 9.91 45.38
CA GLU A 895 14.37 8.82 45.96
C GLU A 895 15.16 7.51 45.94
N LEU A 896 15.92 7.27 44.87
CA LEU A 896 16.78 6.10 44.81
C LEU A 896 18.15 6.40 45.43
N ASN A 912 32.05 14.27 34.63
CA ASN A 912 30.69 14.71 34.88
C ASN A 912 29.83 14.65 33.63
N THR A 913 30.49 14.41 32.49
CA THR A 913 29.78 14.33 31.21
C THR A 913 28.89 13.09 31.12
N SER A 914 29.07 12.11 32.00
CA SER A 914 28.25 10.91 32.04
C SER A 914 27.20 10.94 33.14
N ARG A 915 27.13 12.04 33.91
CA ARG A 915 26.17 12.17 35.00
C ARG A 915 24.91 12.83 34.46
N TYR A 916 23.93 12.01 34.12
CA TYR A 916 22.69 12.39 33.44
C TYR A 916 21.74 13.23 34.29
N TRP A 917 22.05 13.63 35.52
CA TRP A 917 21.18 14.53 36.25
C TRP A 917 21.50 16.00 36.01
N GLU A 918 22.59 16.30 35.31
CA GLU A 918 23.02 17.66 35.03
C GLU A 918 22.90 17.95 33.53
N PRO A 919 22.66 19.22 33.16
CA PRO A 919 22.36 19.52 31.74
C PRO A 919 23.52 19.25 30.79
N GLU A 920 24.76 19.24 31.26
CA GLU A 920 25.89 19.03 30.34
C GLU A 920 25.89 17.64 29.72
N PHE A 921 25.27 16.66 30.38
CA PHE A 921 25.15 15.33 29.79
C PHE A 921 24.33 15.37 28.51
N TYR A 922 23.24 16.13 28.51
CA TYR A 922 22.36 16.22 27.35
C TYR A 922 22.92 17.12 26.26
N GLU A 923 23.59 18.21 26.65
CA GLU A 923 24.18 19.11 25.67
C GLU A 923 25.19 18.39 24.78
N ALA A 924 25.94 17.44 25.36
CA ALA A 924 26.95 16.71 24.60
C ALA A 924 26.36 15.83 23.52
N MET A 925 25.07 15.50 23.61
CA MET A 925 24.45 14.63 22.61
C MET A 925 24.25 15.31 21.26
N TYR A 926 24.31 16.63 21.21
CA TYR A 926 24.04 17.37 19.98
C TYR A 926 25.24 18.13 19.46
N THR A 927 26.45 17.76 19.87
CA THR A 927 27.67 18.39 19.39
C THR A 927 28.47 17.41 18.54
N PRO A 928 29.16 17.90 17.50
CA PRO A 928 29.71 16.98 16.48
C PRO A 928 30.63 15.90 17.02
N HIS A 929 31.43 16.18 18.05
CA HIS A 929 32.42 15.22 18.52
C HIS A 929 31.70 14.10 19.26
N THR A 930 31.50 12.98 18.58
CA THR A 930 30.79 11.84 19.14
C THR A 930 31.70 10.97 20.00
N ASP B 79 15.43 -32.28 23.02
CA ASP B 79 15.88 -31.31 22.04
C ASP B 79 14.70 -30.55 21.43
N LYS B 80 14.85 -29.23 21.34
CA LYS B 80 13.82 -28.41 20.70
C LYS B 80 13.63 -28.81 19.24
N ARG B 81 14.69 -29.25 18.58
CA ARG B 81 14.61 -29.70 17.19
C ARG B 81 13.58 -30.81 17.03
N ALA B 82 13.70 -31.86 17.84
CA ALA B 82 12.76 -32.98 17.75
C ALA B 82 11.38 -32.59 18.25
N LYS B 83 11.31 -31.73 19.26
CA LYS B 83 10.01 -31.30 19.78
C LYS B 83 9.21 -30.55 18.72
N VAL B 84 9.87 -29.63 18.01
CA VAL B 84 9.18 -28.88 16.96
C VAL B 84 8.90 -29.77 15.75
N THR B 85 9.78 -30.73 15.45
CA THR B 85 9.47 -31.69 14.40
C THR B 85 8.19 -32.45 14.73
N SER B 86 8.07 -32.92 15.97
CA SER B 86 6.88 -33.65 16.38
C SER B 86 5.65 -32.77 16.35
N ALA B 87 5.77 -31.52 16.80
CA ALA B 87 4.62 -30.63 16.79
C ALA B 87 4.13 -30.36 15.37
N MET B 88 5.06 -30.05 14.45
CA MET B 88 4.67 -29.77 13.07
C MET B 88 4.04 -30.98 12.42
N GLN B 89 4.63 -32.17 12.62
CA GLN B 89 4.07 -33.36 11.98
C GLN B 89 2.73 -33.74 12.59
N THR B 90 2.57 -33.57 13.90
CA THR B 90 1.30 -33.83 14.54
C THR B 90 0.22 -32.91 14.00
N MET B 91 0.52 -31.61 13.85
CA MET B 91 -0.46 -30.69 13.31
C MET B 91 -0.81 -31.05 11.87
N LEU B 92 0.20 -31.37 11.06
CA LEU B 92 -0.06 -31.69 9.65
C LEU B 92 -0.91 -32.95 9.52
N PHE B 93 -0.67 -33.96 10.35
CA PHE B 93 -1.48 -35.18 10.28
C PHE B 93 -2.85 -35.02 10.93
N THR B 94 -2.96 -34.14 11.93
CA THR B 94 -4.25 -33.93 12.58
C THR B 94 -5.24 -33.24 11.65
N MET B 95 -4.74 -32.32 10.82
CA MET B 95 -5.62 -31.59 9.91
C MET B 95 -6.22 -32.47 8.81
N LEU B 96 -5.74 -33.70 8.65
CA LEU B 96 -6.26 -34.59 7.62
C LEU B 96 -7.55 -35.31 8.02
N ARG B 97 -8.04 -35.13 9.25
CA ARG B 97 -9.32 -35.72 9.59
C ARG B 97 -10.43 -35.17 8.71
N LYS B 98 -10.28 -33.94 8.22
CA LYS B 98 -11.26 -33.34 7.32
C LYS B 98 -10.93 -33.61 5.86
N LEU B 99 -9.66 -33.57 5.49
CA LEU B 99 -9.26 -33.74 4.10
C LEU B 99 -9.42 -35.19 3.66
N ASP B 100 -9.14 -35.42 2.38
CA ASP B 100 -9.31 -36.70 1.70
C ASP B 100 -10.77 -37.16 1.70
N ASN B 101 -11.69 -36.25 2.01
CA ASN B 101 -13.10 -36.51 1.77
C ASN B 101 -13.32 -36.65 0.27
N ASP B 102 -14.28 -37.52 -0.10
CA ASP B 102 -14.47 -37.82 -1.51
C ASP B 102 -14.91 -36.60 -2.34
N ALA B 103 -15.41 -35.55 -1.69
CA ALA B 103 -15.66 -34.29 -2.40
C ALA B 103 -14.36 -33.72 -2.97
N LEU B 104 -13.29 -33.77 -2.18
CA LEU B 104 -11.99 -33.29 -2.65
C LEU B 104 -11.52 -34.09 -3.85
N ASN B 105 -11.71 -35.41 -3.81
CA ASN B 105 -11.31 -36.23 -4.95
C ASN B 105 -12.17 -35.95 -6.17
N ASN B 106 -13.47 -35.74 -5.98
CA ASN B 106 -14.34 -35.41 -7.10
C ASN B 106 -13.94 -34.09 -7.74
N ILE B 107 -13.52 -33.12 -6.94
CA ILE B 107 -13.05 -31.85 -7.48
C ILE B 107 -11.74 -32.02 -8.21
N ILE B 108 -10.77 -32.71 -7.59
CA ILE B 108 -9.41 -32.73 -8.12
C ILE B 108 -9.29 -33.63 -9.35
N ASN B 109 -10.07 -34.73 -9.42
CA ASN B 109 -9.79 -35.74 -10.43
C ASN B 109 -10.24 -35.30 -11.83
N ASN B 110 -11.35 -34.58 -11.92
CA ASN B 110 -11.87 -34.20 -13.23
C ASN B 110 -11.16 -32.99 -13.83
N ALA B 111 -10.32 -32.31 -13.05
CA ALA B 111 -9.48 -31.25 -13.59
C ALA B 111 -8.55 -31.82 -14.66
N ARG B 112 -8.39 -31.05 -15.74
CA ARG B 112 -7.56 -31.47 -16.90
C ARG B 112 -6.18 -31.93 -16.46
N ASP B 113 -5.62 -31.30 -15.44
CA ASP B 113 -4.26 -31.60 -15.04
C ASP B 113 -4.14 -31.91 -13.54
N GLY B 114 -5.26 -32.05 -12.84
CA GLY B 114 -5.21 -32.37 -11.42
C GLY B 114 -4.82 -31.21 -10.52
N CYS B 115 -4.69 -30.02 -11.07
CA CYS B 115 -4.29 -28.84 -10.32
C CYS B 115 -5.43 -27.83 -10.31
N VAL B 116 -5.82 -27.38 -9.12
CA VAL B 116 -6.98 -26.49 -8.97
C VAL B 116 -6.60 -25.28 -8.13
N PRO B 117 -7.29 -24.15 -8.30
CA PRO B 117 -7.05 -23.00 -7.41
C PRO B 117 -7.43 -23.32 -5.97
N LEU B 118 -6.66 -22.77 -5.03
CA LEU B 118 -6.92 -23.00 -3.61
C LEU B 118 -8.23 -22.35 -3.17
N ASN B 119 -8.57 -21.21 -3.76
CA ASN B 119 -9.72 -20.44 -3.28
C ASN B 119 -11.03 -21.19 -3.46
N ILE B 120 -11.09 -22.13 -4.40
CA ILE B 120 -12.33 -22.85 -4.67
C ILE B 120 -12.51 -24.10 -3.82
N ILE B 121 -11.48 -24.52 -3.08
CA ILE B 121 -11.54 -25.79 -2.35
C ILE B 121 -12.54 -25.68 -1.20
N PRO B 122 -12.41 -24.73 -0.26
CA PRO B 122 -13.48 -24.61 0.74
C PRO B 122 -14.81 -24.23 0.13
N LEU B 123 -14.78 -23.47 -0.97
CA LEU B 123 -16.00 -22.98 -1.59
C LEU B 123 -16.86 -24.13 -2.11
N THR B 124 -16.22 -25.14 -2.71
CA THR B 124 -16.95 -26.26 -3.28
C THR B 124 -17.00 -27.50 -2.39
N THR B 125 -16.19 -27.57 -1.32
CA THR B 125 -16.11 -28.80 -0.55
C THR B 125 -16.36 -28.67 0.95
N ALA B 126 -16.41 -27.45 1.50
CA ALA B 126 -16.60 -27.32 2.93
C ALA B 126 -18.00 -27.76 3.33
N ALA B 127 -18.08 -28.49 4.45
CA ALA B 127 -19.36 -28.93 4.98
C ALA B 127 -20.06 -27.85 5.80
N LYS B 128 -19.32 -26.88 6.33
CA LYS B 128 -19.93 -25.84 7.22
C LYS B 128 -19.66 -24.44 6.67
N LEU B 129 -20.63 -23.53 6.80
CA LEU B 129 -20.44 -22.12 6.36
C LEU B 129 -20.66 -21.18 7.54
N MET B 130 -19.76 -20.24 7.76
CA MET B 130 -19.88 -19.22 8.80
C MET B 130 -20.14 -17.87 8.17
N VAL B 131 -21.25 -17.23 8.55
CA VAL B 131 -21.63 -15.92 8.05
C VAL B 131 -21.50 -14.92 9.19
N VAL B 132 -20.85 -13.78 8.92
CA VAL B 132 -20.71 -12.70 9.88
C VAL B 132 -21.46 -11.50 9.33
N ILE B 133 -22.47 -11.04 10.05
CA ILE B 133 -23.42 -10.06 9.57
C ILE B 133 -23.35 -8.82 10.45
N PRO B 134 -23.08 -7.63 9.89
CA PRO B 134 -22.90 -6.44 10.72
C PRO B 134 -24.18 -5.78 11.20
N ASP B 135 -25.25 -5.83 10.40
CA ASP B 135 -26.50 -5.17 10.75
C ASP B 135 -27.66 -5.88 10.09
N TYR B 136 -28.87 -5.51 10.49
CA TYR B 136 -30.06 -6.25 10.10
C TYR B 136 -30.34 -6.11 8.60
N ASN B 137 -29.96 -5.00 7.99
CA ASN B 137 -30.18 -4.84 6.56
C ASN B 137 -29.39 -5.88 5.78
N THR B 138 -28.17 -6.17 6.20
CA THR B 138 -27.42 -7.27 5.60
C THR B 138 -28.02 -8.63 5.98
N TYR B 139 -28.67 -8.73 7.13
CA TYR B 139 -29.27 -10.00 7.53
C TYR B 139 -30.44 -10.37 6.62
N LYS B 140 -31.36 -9.43 6.39
CA LYS B 140 -32.50 -9.72 5.52
C LYS B 140 -32.05 -10.05 4.11
N ASN B 141 -30.96 -9.45 3.64
CA ASN B 141 -30.47 -9.70 2.29
C ASN B 141 -29.69 -10.99 2.16
N THR B 142 -29.31 -11.63 3.26
CA THR B 142 -28.41 -12.78 3.13
C THR B 142 -28.96 -14.06 3.78
N CYS B 143 -29.59 -13.95 4.95
CA CYS B 143 -29.96 -15.15 5.71
C CYS B 143 -31.42 -15.13 6.13
N ASP B 144 -32.31 -14.64 5.28
CA ASP B 144 -33.73 -14.71 5.57
C ASP B 144 -34.19 -16.16 5.62
N GLY B 145 -34.95 -16.49 6.66
CA GLY B 145 -35.46 -17.84 6.81
C GLY B 145 -34.46 -18.80 7.40
N THR B 146 -34.92 -20.03 7.62
CA THR B 146 -34.08 -21.07 8.20
C THR B 146 -33.15 -21.73 7.19
N THR B 147 -33.35 -21.50 5.89
CA THR B 147 -32.45 -22.01 4.87
C THR B 147 -32.22 -20.91 3.84
N PHE B 148 -30.99 -20.84 3.33
CA PHE B 148 -30.63 -19.82 2.36
C PHE B 148 -29.60 -20.40 1.39
N THR B 149 -29.43 -19.73 0.27
CA THR B 149 -28.53 -20.17 -0.78
C THR B 149 -27.30 -19.28 -0.86
N TYR B 150 -26.14 -19.89 -1.04
CA TYR B 150 -24.90 -19.16 -1.24
C TYR B 150 -23.91 -20.08 -1.96
N ALA B 151 -23.16 -19.49 -2.90
CA ALA B 151 -22.12 -20.21 -3.64
C ALA B 151 -22.66 -21.48 -4.30
N SER B 152 -23.83 -21.35 -4.93
CA SER B 152 -24.46 -22.43 -5.70
C SER B 152 -24.78 -23.64 -4.82
N ALA B 153 -25.09 -23.41 -3.55
CA ALA B 153 -25.50 -24.48 -2.65
C ALA B 153 -26.62 -23.96 -1.74
N LEU B 154 -27.32 -24.90 -1.11
CA LEU B 154 -28.32 -24.57 -0.11
C LEU B 154 -27.77 -24.87 1.28
N TRP B 155 -27.95 -23.91 2.19
CA TRP B 155 -27.39 -24.01 3.53
C TRP B 155 -28.52 -23.89 4.53
N GLU B 156 -28.46 -24.70 5.59
CA GLU B 156 -29.47 -24.70 6.65
C GLU B 156 -28.82 -24.24 7.95
N ILE B 157 -29.47 -23.27 8.61
CA ILE B 157 -28.86 -22.61 9.76
C ILE B 157 -28.90 -23.52 10.97
N GLN B 158 -27.75 -23.69 11.62
CA GLN B 158 -27.63 -24.46 12.86
C GLN B 158 -27.70 -23.58 14.09
N GLN B 159 -26.91 -22.50 14.13
CA GLN B 159 -26.89 -21.60 15.28
C GLN B 159 -26.65 -20.18 14.81
N VAL B 160 -27.12 -19.23 15.62
CA VAL B 160 -26.78 -17.82 15.47
C VAL B 160 -26.28 -17.31 16.82
N VAL B 161 -25.13 -16.64 16.81
CA VAL B 161 -24.56 -16.04 18.01
C VAL B 161 -24.16 -14.62 17.71
N ASP B 162 -24.11 -13.80 18.76
CA ASP B 162 -23.72 -12.41 18.64
C ASP B 162 -22.24 -12.23 18.95
N ALA B 163 -21.80 -10.98 18.99
CA ALA B 163 -20.39 -10.69 19.25
C ALA B 163 -19.95 -11.14 20.64
N ASP B 164 -20.89 -11.41 21.54
CA ASP B 164 -20.59 -11.94 22.86
C ASP B 164 -20.63 -13.45 22.92
N SER B 165 -20.82 -14.12 21.78
CA SER B 165 -20.87 -15.58 21.69
C SER B 165 -22.02 -16.17 22.48
N LYS B 166 -23.09 -15.41 22.65
CA LYS B 166 -24.32 -15.93 23.24
C LYS B 166 -25.32 -16.31 22.16
N ILE B 167 -26.06 -17.39 22.40
CA ILE B 167 -26.97 -17.92 21.39
C ILE B 167 -28.14 -16.96 21.18
N VAL B 168 -28.43 -16.65 19.93
CA VAL B 168 -29.53 -15.78 19.55
C VAL B 168 -30.53 -16.60 18.74
N GLN B 169 -31.78 -16.61 19.19
CA GLN B 169 -32.83 -17.34 18.49
C GLN B 169 -33.28 -16.58 17.26
N LEU B 170 -33.76 -17.34 16.26
CA LEU B 170 -34.19 -16.72 15.00
C LEU B 170 -35.36 -15.76 15.20
N SER B 171 -36.21 -16.02 16.20
CA SER B 171 -37.34 -15.14 16.46
C SER B 171 -36.91 -13.79 17.02
N GLU B 172 -35.74 -13.70 17.64
CA GLU B 172 -35.28 -12.44 18.23
C GLU B 172 -34.80 -11.46 17.17
N ILE B 173 -34.40 -11.95 16.00
CA ILE B 173 -33.74 -11.11 15.00
C ILE B 173 -34.81 -10.42 14.17
N SER B 174 -35.19 -9.19 14.57
CA SER B 174 -36.24 -8.43 13.89
C SER B 174 -35.88 -6.96 13.89
N MET B 175 -36.54 -6.19 13.01
CA MET B 175 -36.35 -4.74 12.97
C MET B 175 -36.55 -4.07 14.31
N ASP B 176 -37.61 -4.42 15.04
CA ASP B 176 -37.91 -3.74 16.31
C ASP B 176 -36.96 -4.18 17.42
N ASN B 177 -36.54 -5.45 17.42
CA ASN B 177 -35.68 -5.97 18.47
C ASN B 177 -34.21 -5.68 18.17
N SER B 178 -33.87 -5.44 16.90
CA SER B 178 -32.47 -5.36 16.45
C SER B 178 -31.56 -4.49 17.31
N PRO B 179 -31.93 -3.27 17.74
CA PRO B 179 -31.01 -2.48 18.57
C PRO B 179 -30.72 -3.10 19.93
N ASN B 180 -31.53 -4.06 20.38
CA ASN B 180 -31.24 -4.74 21.64
C ASN B 180 -30.14 -5.78 21.48
N LEU B 181 -30.00 -6.37 20.29
CA LEU B 181 -28.99 -7.40 20.08
C LEU B 181 -27.59 -6.78 19.95
N ALA B 182 -26.60 -7.51 20.45
CA ALA B 182 -25.22 -7.17 20.17
C ALA B 182 -24.85 -7.59 18.76
N TRP B 183 -24.03 -6.78 18.10
CA TRP B 183 -23.65 -7.03 16.71
C TRP B 183 -22.13 -7.02 16.60
N PRO B 184 -21.57 -7.71 15.60
CA PRO B 184 -22.16 -8.54 14.54
C PRO B 184 -22.76 -9.86 15.03
N LEU B 185 -23.56 -10.49 14.17
CA LEU B 185 -24.08 -11.83 14.41
C LEU B 185 -23.31 -12.83 13.56
N ILE B 186 -23.00 -13.98 14.15
CA ILE B 186 -22.28 -15.05 13.48
C ILE B 186 -23.23 -16.21 13.26
N VAL B 187 -23.48 -16.53 12.00
CA VAL B 187 -24.43 -17.58 11.60
C VAL B 187 -23.62 -18.76 11.06
N THR B 188 -23.87 -19.95 11.62
CA THR B 188 -23.26 -21.18 11.17
C THR B 188 -24.31 -22.04 10.46
N ALA B 189 -23.95 -22.56 9.29
CA ALA B 189 -24.87 -23.33 8.47
C ALA B 189 -24.18 -24.57 7.95
N LEU B 190 -24.97 -25.61 7.70
CA LEU B 190 -24.47 -26.87 7.14
C LEU B 190 -24.96 -27.03 5.71
N ARG B 191 -24.10 -27.57 4.85
CA ARG B 191 -24.46 -27.78 3.46
C ARG B 191 -25.56 -28.82 3.36
N ALA B 192 -26.59 -28.51 2.59
CA ALA B 192 -27.72 -29.42 2.40
C ALA B 192 -27.31 -30.59 1.51
N LYS C 3 -8.74 22.76 33.90
CA LYS C 3 -10.00 22.04 33.99
C LYS C 3 -10.05 20.89 32.98
N MET C 4 -9.82 21.22 31.71
CA MET C 4 -9.96 20.23 30.65
C MET C 4 -8.96 19.10 30.80
N SER C 5 -7.70 19.43 31.13
CA SER C 5 -6.68 18.40 31.28
C SER C 5 -7.03 17.43 32.41
N ASP C 6 -7.58 17.97 33.50
CA ASP C 6 -8.05 17.10 34.58
C ASP C 6 -9.16 16.19 34.10
N VAL C 7 -10.07 16.70 33.27
CA VAL C 7 -11.16 15.88 32.75
C VAL C 7 -10.61 14.74 31.90
N LYS C 8 -9.64 15.03 31.04
CA LYS C 8 -9.05 13.99 30.19
C LYS C 8 -8.33 12.93 31.04
N CYS C 9 -7.50 13.39 31.98
CA CYS C 9 -6.75 12.46 32.81
C CYS C 9 -7.68 11.60 33.68
N THR C 10 -8.79 12.17 34.14
CA THR C 10 -9.76 11.39 34.90
C THR C 10 -10.49 10.40 34.00
N SER C 11 -10.83 10.80 32.78
CA SER C 11 -11.50 9.88 31.87
C SER C 11 -10.62 8.68 31.53
N VAL C 12 -9.30 8.90 31.40
CA VAL C 12 -8.40 7.78 31.09
C VAL C 12 -8.43 6.75 32.21
N VAL C 13 -8.25 7.20 33.46
CA VAL C 13 -8.22 6.27 34.57
C VAL C 13 -9.61 5.66 34.79
N LEU C 14 -10.67 6.40 34.45
CA LEU C 14 -12.02 5.84 34.58
C LEU C 14 -12.25 4.71 33.57
N LEU C 15 -11.79 4.90 32.34
CA LEU C 15 -11.88 3.79 31.39
C LEU C 15 -11.01 2.62 31.83
N SER C 16 -9.85 2.90 32.44
CA SER C 16 -9.01 1.82 32.92
C SER C 16 -9.70 1.02 34.03
N VAL C 17 -10.35 1.71 34.98
CA VAL C 17 -11.00 0.99 36.07
C VAL C 17 -12.21 0.23 35.57
N LEU C 18 -12.94 0.78 34.59
CA LEU C 18 -13.99 -0.01 33.95
C LEU C 18 -13.42 -1.24 33.26
N GLN C 19 -12.28 -1.08 32.57
CA GLN C 19 -11.68 -2.20 31.85
C GLN C 19 -11.28 -3.32 32.80
N GLN C 20 -10.68 -2.97 33.95
CA GLN C 20 -10.24 -4.02 34.85
C GLN C 20 -11.39 -4.68 35.59
N LEU C 21 -12.59 -4.12 35.53
CA LEU C 21 -13.79 -4.75 36.07
C LEU C 21 -14.52 -5.60 35.03
N ARG C 22 -13.87 -5.89 33.90
CA ARG C 22 -14.38 -6.80 32.87
C ARG C 22 -15.62 -6.24 32.16
N VAL C 23 -15.70 -4.91 32.02
CA VAL C 23 -16.77 -4.31 31.24
C VAL C 23 -16.62 -4.67 29.76
N GLU C 24 -15.39 -4.82 29.28
CA GLU C 24 -15.14 -5.09 27.87
C GLU C 24 -15.63 -6.46 27.43
N SER C 25 -16.01 -7.34 28.36
CA SER C 25 -16.63 -8.61 28.01
C SER C 25 -18.10 -8.46 27.67
N SER C 26 -18.62 -7.23 27.61
CA SER C 26 -19.97 -6.91 27.15
C SER C 26 -19.80 -5.85 26.07
N SER C 27 -19.66 -6.30 24.82
CA SER C 27 -19.24 -5.42 23.74
C SER C 27 -20.19 -4.26 23.52
N LYS C 28 -21.49 -4.47 23.78
CA LYS C 28 -22.47 -3.42 23.53
C LYS C 28 -22.24 -2.21 24.42
N LEU C 29 -21.79 -2.43 25.65
CA LEU C 29 -21.48 -1.33 26.56
C LEU C 29 -20.05 -0.83 26.38
N TRP C 30 -19.11 -1.75 26.13
CA TRP C 30 -17.73 -1.35 25.91
C TRP C 30 -17.60 -0.42 24.71
N ALA C 31 -18.40 -0.65 23.67
CA ALA C 31 -18.34 0.24 22.51
C ALA C 31 -18.70 1.67 22.88
N GLN C 32 -19.70 1.86 23.74
CA GLN C 32 -20.09 3.20 24.17
C GLN C 32 -19.10 3.80 25.16
N CYS C 33 -18.50 2.97 26.02
CA CYS C 33 -17.43 3.47 26.88
C CYS C 33 -16.27 4.00 26.06
N VAL C 34 -15.84 3.24 25.03
CA VAL C 34 -14.78 3.68 24.14
C VAL C 34 -15.19 4.95 23.41
N GLN C 35 -16.44 5.02 22.93
CA GLN C 35 -16.89 6.22 22.24
C GLN C 35 -16.80 7.44 23.14
N LEU C 36 -17.26 7.32 24.38
CA LEU C 36 -17.21 8.46 25.31
C LEU C 36 -15.78 8.84 25.65
N HIS C 37 -14.92 7.85 25.90
CA HIS C 37 -13.52 8.12 26.21
C HIS C 37 -12.82 8.88 25.07
N ASN C 38 -12.96 8.37 23.84
CA ASN C 38 -12.33 9.03 22.71
C ASN C 38 -12.93 10.42 22.47
N ASP C 39 -14.24 10.57 22.64
CA ASP C 39 -14.85 11.88 22.49
C ASP C 39 -14.32 12.87 23.52
N ILE C 40 -14.17 12.43 24.77
CA ILE C 40 -13.62 13.31 25.80
C ILE C 40 -12.21 13.73 25.44
N LEU C 41 -11.38 12.78 24.99
CA LEU C 41 -10.01 13.16 24.68
C LEU C 41 -9.92 14.06 23.45
N LEU C 42 -10.85 13.92 22.50
CA LEU C 42 -10.83 14.75 21.31
C LEU C 42 -11.52 16.09 21.50
N ALA C 43 -12.27 16.27 22.59
CA ALA C 43 -12.97 17.51 22.84
C ALA C 43 -12.00 18.67 23.04
N LYS C 44 -12.43 19.87 22.65
CA LYS C 44 -11.68 21.09 22.87
C LYS C 44 -12.43 22.09 23.74
N ASP C 45 -13.62 21.73 24.24
CA ASP C 45 -14.38 22.57 25.15
C ASP C 45 -14.74 21.74 26.37
N THR C 46 -14.62 22.34 27.55
CA THR C 46 -14.81 21.59 28.79
C THR C 46 -16.26 21.26 29.09
N THR C 47 -17.23 21.93 28.46
CA THR C 47 -18.63 21.64 28.75
C THR C 47 -19.06 20.29 28.18
N GLU C 48 -18.77 20.06 26.90
CA GLU C 48 -19.04 18.75 26.32
C GLU C 48 -18.20 17.67 26.99
N ALA C 49 -16.97 18.01 27.39
CA ALA C 49 -16.14 17.04 28.10
C ALA C 49 -16.77 16.66 29.43
N PHE C 50 -17.29 17.63 30.18
CA PHE C 50 -17.96 17.33 31.44
C PHE C 50 -19.21 16.50 31.22
N GLU C 51 -20.02 16.86 30.22
CA GLU C 51 -21.24 16.10 29.97
C GLU C 51 -20.93 14.65 29.63
N LYS C 52 -19.95 14.43 28.76
CA LYS C 52 -19.60 13.06 28.38
C LYS C 52 -18.90 12.33 29.51
N MET C 53 -18.14 13.06 30.34
CA MET C 53 -17.47 12.45 31.49
C MET C 53 -18.49 11.96 32.51
N VAL C 54 -19.51 12.76 32.81
CA VAL C 54 -20.53 12.31 33.75
C VAL C 54 -21.35 11.17 33.16
N SER C 55 -21.62 11.23 31.85
CA SER C 55 -22.29 10.11 31.20
C SER C 55 -21.47 8.83 31.32
N LEU C 56 -20.14 8.95 31.22
CA LEU C 56 -19.27 7.78 31.35
C LEU C 56 -19.20 7.29 32.78
N LEU C 57 -19.15 8.22 33.74
CA LEU C 57 -19.09 7.86 35.15
C LEU C 57 -20.37 7.19 35.63
N SER C 58 -21.51 7.54 35.01
CA SER C 58 -22.76 6.87 35.32
C SER C 58 -22.66 5.36 35.08
N VAL C 59 -21.83 4.94 34.12
CA VAL C 59 -21.66 3.51 33.86
C VAL C 59 -21.02 2.82 35.05
N LEU C 60 -19.98 3.42 35.62
CA LEU C 60 -19.38 2.86 36.83
C LEU C 60 -20.34 2.92 38.01
N LEU C 61 -21.07 4.03 38.13
CA LEU C 61 -22.00 4.17 39.25
C LEU C 61 -23.13 3.15 39.17
N SER C 62 -23.50 2.71 37.97
CA SER C 62 -24.61 1.77 37.84
C SER C 62 -24.27 0.42 38.47
N MET C 63 -23.12 -0.15 38.13
CA MET C 63 -22.70 -1.40 38.73
C MET C 63 -22.06 -1.12 40.10
N GLN C 64 -21.70 -2.21 40.81
CA GLN C 64 -21.31 -2.09 42.20
C GLN C 64 -20.04 -1.28 42.39
N GLY C 65 -19.16 -1.22 41.40
CA GLY C 65 -17.93 -0.45 41.51
C GLY C 65 -17.01 -0.93 42.61
#